data_8VRM
#
_entry.id   8VRM
#
_cell.length_a   106.670
_cell.length_b   106.670
_cell.length_c   180.400
_cell.angle_alpha   90.00
_cell.angle_beta   90.00
_cell.angle_gamma   120.00
#
_symmetry.space_group_name_H-M   'P 63'
#
loop_
_entity.id
_entity.type
_entity.pdbx_description
1 polymer 'Acetyltransferase, putative'
2 non-polymer 'SULFATE ION'
3 non-polymer (4S)-2-METHYL-2,4-PENTANEDIOL
4 non-polymer 1,2-ETHANEDIOL
5 water water
#
_entity_poly.entity_id   1
_entity_poly.type   'polypeptide(L)'
_entity_poly.pdbx_seq_one_letter_code
;GGGHMILLKELKELFFLRTTYYLKKYNRSLPFGDMIVDRWDKAKLLGFGEGTSIYDSSIVLGEVKVGKDTWIGPNTILDG
SGGGLIIGSNCSISAGVQIYTHDTVRKSLSGGKADIDKASTRIGSDCYLGPNTIIVKGVKIGDRVVVGANSLVLKDIPSD
CKVFGSPAVIITDSLNYQRNNI
;
_entity_poly.pdbx_strand_id   A,B,C,D,E,F
#
# COMPACT_ATOMS: atom_id res chain seq x y z
N GLY A 2 6.24 32.89 -3.90
CA GLY A 2 4.77 32.93 -4.01
C GLY A 2 4.11 31.80 -3.22
N GLY A 3 3.72 30.75 -3.96
CA GLY A 3 3.07 29.57 -3.39
C GLY A 3 4.04 28.72 -2.55
N HIS A 4 5.34 28.77 -2.89
CA HIS A 4 6.39 28.09 -2.15
C HIS A 4 6.66 28.80 -0.83
N MET A 5 6.44 30.12 -0.76
CA MET A 5 6.69 30.85 0.50
C MET A 5 5.58 30.52 1.50
N ILE A 6 4.38 30.27 0.98
CA ILE A 6 3.23 29.90 1.78
C ILE A 6 3.40 28.47 2.31
N LEU A 7 3.81 27.54 1.42
CA LEU A 7 4.15 26.19 1.86
C LEU A 7 5.23 26.22 2.93
N LEU A 8 6.27 27.05 2.78
CA LEU A 8 7.35 27.08 3.77
C LEU A 8 6.81 27.50 5.13
N LYS A 9 5.99 28.56 5.14
CA LYS A 9 5.43 29.07 6.38
C LYS A 9 4.54 28.01 7.06
N GLU A 10 3.76 27.29 6.27
CA GLU A 10 2.88 26.25 6.81
C GLU A 10 3.70 25.08 7.35
N LEU A 11 4.81 24.77 6.69
CA LEU A 11 5.69 23.71 7.19
C LEU A 11 6.34 24.14 8.49
N LYS A 12 6.72 25.41 8.61
CA LYS A 12 7.34 25.87 9.84
C LYS A 12 6.30 25.81 10.98
N GLU A 13 5.06 26.18 10.68
CA GLU A 13 3.99 26.13 11.66
C GLU A 13 3.76 24.69 12.09
N LEU A 14 3.68 23.77 11.12
CA LEU A 14 3.46 22.38 11.44
C LEU A 14 4.62 21.81 12.26
N PHE A 15 5.85 22.22 11.99
CA PHE A 15 7.02 21.79 12.76
C PHE A 15 6.86 22.21 14.22
N PHE A 16 6.51 23.50 14.44
CA PHE A 16 6.27 24.00 15.78
C PHE A 16 5.16 23.21 16.49
N LEU A 17 4.02 23.02 15.81
CA LEU A 17 2.89 22.28 16.39
C LEU A 17 3.28 20.83 16.72
N ARG A 18 3.93 20.14 15.78
CA ARG A 18 4.24 18.74 16.01
C ARG A 18 5.30 18.55 17.09
N THR A 19 6.25 19.49 17.16
CA THR A 19 7.26 19.48 18.19
C THR A 19 6.59 19.65 19.55
N THR A 20 5.65 20.60 19.64
CA THR A 20 4.96 20.85 20.91
C THR A 20 4.25 19.57 21.34
N TYR A 21 3.55 18.96 20.38
CA TYR A 21 2.81 17.72 20.59
C TYR A 21 3.71 16.62 21.15
N TYR A 22 4.88 16.42 20.52
CA TYR A 22 5.77 15.34 20.92
C TYR A 22 6.40 15.66 22.28
N LEU A 23 6.76 16.93 22.51
CA LEU A 23 7.35 17.31 23.77
C LEU A 23 6.33 17.07 24.88
N LYS A 24 5.07 17.49 24.67
CA LYS A 24 4.10 17.48 25.76
C LYS A 24 3.44 16.12 25.94
N LYS A 25 3.18 15.42 24.85
CA LYS A 25 2.54 14.13 24.94
C LYS A 25 3.55 13.00 25.11
N TYR A 26 4.70 13.06 24.44
CA TYR A 26 5.59 11.91 24.31
C TYR A 26 6.97 12.19 24.92
N ASN A 27 7.13 13.36 25.57
CA ASN A 27 8.34 13.77 26.26
C ASN A 27 9.57 13.62 25.36
N ARG A 28 9.47 14.11 24.11
CA ARG A 28 10.62 14.02 23.21
C ARG A 28 10.47 15.02 22.08
N SER A 29 11.63 15.36 21.49
CA SER A 29 11.74 16.15 20.27
C SER A 29 12.41 15.28 19.22
N LEU A 30 11.78 15.16 18.05
CA LEU A 30 12.26 14.30 16.97
C LEU A 30 12.51 15.15 15.74
N PRO A 31 13.26 14.58 14.76
CA PRO A 31 13.33 15.19 13.43
C PRO A 31 11.93 15.33 12.84
N PHE A 32 11.77 16.33 11.97
CA PHE A 32 10.49 16.59 11.33
C PHE A 32 9.96 15.34 10.63
N GLY A 33 10.83 14.57 9.96
CA GLY A 33 10.41 13.38 9.24
C GLY A 33 9.80 12.32 10.16
N ASP A 34 10.28 12.24 11.40
CA ASP A 34 9.83 11.26 12.38
C ASP A 34 8.56 11.75 13.11
N MET A 35 8.08 12.94 12.78
CA MET A 35 6.86 13.44 13.40
C MET A 35 5.70 13.45 12.40
N ILE A 36 5.97 12.83 11.24
CA ILE A 36 5.01 12.56 10.19
C ILE A 36 4.83 11.05 10.16
N VAL A 37 5.93 10.29 10.11
CA VAL A 37 5.89 8.84 9.96
C VAL A 37 5.82 8.21 11.36
N ASP A 38 4.82 7.35 11.58
CA ASP A 38 4.70 6.55 12.79
C ASP A 38 5.55 5.29 12.62
N ARG A 39 6.38 5.02 13.62
CA ARG A 39 7.38 3.96 13.54
C ARG A 39 6.77 2.57 13.42
N TRP A 40 5.60 2.32 14.06
CA TRP A 40 4.97 1.00 14.02
C TRP A 40 4.23 0.81 12.70
N ASP A 41 3.63 1.88 12.17
CA ASP A 41 2.96 1.84 10.88
C ASP A 41 4.00 1.66 9.78
N LYS A 42 5.15 2.34 9.91
CA LYS A 42 6.20 2.13 8.93
C LYS A 42 6.64 0.67 8.90
N ALA A 43 6.85 0.06 10.09
CA ALA A 43 7.30 -1.32 10.18
C ALA A 43 6.25 -2.27 9.55
N LYS A 44 4.96 -1.95 9.76
CA LYS A 44 3.85 -2.70 9.18
C LYS A 44 3.88 -2.59 7.67
N LEU A 45 4.06 -1.39 7.12
CA LEU A 45 4.13 -1.19 5.69
C LEU A 45 5.28 -2.01 5.05
N LEU A 46 6.40 -2.20 5.77
CA LEU A 46 7.54 -2.96 5.27
C LEU A 46 7.42 -4.48 5.47
N GLY A 47 6.41 -4.96 6.22
CA GLY A 47 6.16 -6.40 6.36
C GLY A 47 6.81 -7.04 7.58
N PHE A 48 7.26 -6.21 8.53
CA PHE A 48 7.98 -6.69 9.68
C PHE A 48 6.95 -7.25 10.67
N GLY A 49 7.42 -8.07 11.60
CA GLY A 49 6.56 -8.73 12.55
C GLY A 49 5.90 -7.73 13.48
N GLU A 50 4.87 -8.21 14.17
CA GLU A 50 4.09 -7.33 15.03
C GLU A 50 4.95 -6.89 16.21
N GLY A 51 4.75 -5.64 16.63
CA GLY A 51 5.47 -5.06 17.74
C GLY A 51 6.76 -4.37 17.29
N THR A 52 7.20 -4.63 16.08
CA THR A 52 8.42 -4.04 15.51
C THR A 52 8.18 -2.58 15.16
N SER A 53 9.20 -1.75 15.42
CA SER A 53 9.15 -0.36 15.01
C SER A 53 10.43 0.02 14.25
N ILE A 54 10.32 1.05 13.40
CA ILE A 54 11.46 1.58 12.66
C ILE A 54 11.28 3.08 12.43
N TYR A 55 12.33 3.84 12.74
CA TYR A 55 12.39 5.28 12.53
C TYR A 55 12.35 5.65 11.05
N ASP A 56 11.86 6.86 10.74
CA ASP A 56 11.88 7.43 9.40
C ASP A 56 13.29 7.45 8.80
N SER A 57 14.29 7.72 9.64
CA SER A 57 15.65 7.95 9.18
C SER A 57 16.40 6.67 8.78
N SER A 58 15.76 5.50 8.86
CA SER A 58 16.37 4.23 8.50
C SER A 58 16.26 3.99 7.01
N ILE A 59 17.27 3.34 6.43
CA ILE A 59 17.24 2.90 5.04
C ILE A 59 17.13 1.39 4.98
N VAL A 60 16.12 0.87 4.27
CA VAL A 60 15.88 -0.56 4.17
C VAL A 60 15.97 -0.92 2.69
N LEU A 61 17.02 -1.66 2.33
CA LEU A 61 17.26 -1.99 0.93
C LEU A 61 16.95 -3.46 0.65
N GLY A 62 16.27 -3.70 -0.46
CA GLY A 62 16.15 -5.05 -1.00
C GLY A 62 15.28 -5.90 -0.11
N GLU A 63 15.63 -7.19 0.05
CA GLU A 63 14.85 -8.13 0.83
C GLU A 63 15.28 -8.18 2.28
N VAL A 64 14.39 -7.77 3.19
CA VAL A 64 14.72 -7.70 4.60
C VAL A 64 13.56 -8.25 5.42
N LYS A 65 13.85 -9.22 6.28
CA LYS A 65 12.82 -9.81 7.12
C LYS A 65 13.18 -9.51 8.57
N VAL A 66 12.19 -9.04 9.32
CA VAL A 66 12.36 -8.81 10.74
C VAL A 66 11.20 -9.43 11.52
N GLY A 67 11.55 -10.11 12.62
CA GLY A 67 10.55 -10.76 13.46
C GLY A 67 9.81 -9.77 14.36
N LYS A 68 9.18 -10.28 15.41
CA LYS A 68 8.33 -9.50 16.27
C LYS A 68 9.14 -8.76 17.33
N ASP A 69 8.59 -7.62 17.76
CA ASP A 69 9.03 -6.85 18.91
C ASP A 69 10.52 -6.46 18.78
N THR A 70 10.95 -6.21 17.56
CA THR A 70 12.32 -5.74 17.31
C THR A 70 12.27 -4.22 17.14
N TRP A 71 13.22 -3.50 17.77
CA TRP A 71 13.30 -2.04 17.72
C TRP A 71 14.41 -1.70 16.74
N ILE A 72 14.07 -1.03 15.64
CA ILE A 72 15.04 -0.54 14.66
C ILE A 72 15.22 0.96 14.85
N GLY A 73 16.43 1.33 15.24
CA GLY A 73 16.69 2.68 15.67
C GLY A 73 16.87 3.68 14.52
N PRO A 74 17.12 4.94 14.90
CA PRO A 74 17.34 6.00 13.93
C PRO A 74 18.69 5.85 13.27
N ASN A 75 18.79 6.42 12.07
CA ASN A 75 20.06 6.55 11.38
C ASN A 75 20.67 5.19 11.13
N THR A 76 19.82 4.17 10.91
CA THR A 76 20.24 2.79 10.69
C THR A 76 20.22 2.44 9.20
N ILE A 77 20.94 1.38 8.85
CA ILE A 77 20.94 0.82 7.49
C ILE A 77 20.66 -0.66 7.61
N LEU A 78 19.59 -1.12 6.98
CA LEU A 78 19.27 -2.52 6.90
C LEU A 78 19.35 -2.89 5.44
N ASP A 79 20.52 -3.39 5.02
CA ASP A 79 20.77 -3.60 3.61
C ASP A 79 20.66 -5.10 3.32
N GLY A 80 19.54 -5.47 2.70
CA GLY A 80 19.34 -6.82 2.21
C GLY A 80 19.49 -6.99 0.69
N SER A 81 20.20 -6.06 0.04
CA SER A 81 20.29 -6.04 -1.41
C SER A 81 21.13 -7.19 -1.95
N GLY A 82 22.02 -7.75 -1.13
CA GLY A 82 22.99 -8.73 -1.64
C GLY A 82 22.66 -10.15 -1.20
N GLY A 83 21.40 -10.56 -1.39
CA GLY A 83 20.96 -11.92 -1.11
C GLY A 83 20.11 -12.04 0.15
N GLY A 84 19.79 -10.90 0.76
CA GLY A 84 18.80 -10.85 1.83
C GLY A 84 19.41 -10.74 3.22
N LEU A 85 18.63 -10.10 4.09
CA LEU A 85 18.94 -9.91 5.50
C LEU A 85 17.73 -10.39 6.29
N ILE A 86 17.99 -11.22 7.29
CA ILE A 86 16.98 -11.73 8.20
C ILE A 86 17.39 -11.35 9.62
N ILE A 87 16.45 -10.77 10.35
CA ILE A 87 16.64 -10.42 11.73
C ILE A 87 15.51 -11.06 12.53
N GLY A 88 15.86 -11.66 13.67
CA GLY A 88 14.87 -12.25 14.58
C GLY A 88 14.01 -11.24 15.37
N SER A 89 13.46 -11.77 16.47
CA SER A 89 12.53 -11.11 17.35
C SER A 89 13.24 -10.63 18.60
N ASN A 90 12.69 -9.58 19.22
CA ASN A 90 13.16 -9.05 20.49
C ASN A 90 14.57 -8.46 20.38
N CYS A 91 14.98 -8.07 19.18
CA CYS A 91 16.30 -7.49 18.99
C CYS A 91 16.26 -5.97 19.20
N SER A 92 17.36 -5.43 19.72
CA SER A 92 17.60 -3.99 19.73
C SER A 92 18.64 -3.66 18.66
N ILE A 93 18.21 -2.98 17.59
CA ILE A 93 19.11 -2.53 16.54
C ILE A 93 19.31 -1.04 16.81
N SER A 94 20.37 -0.73 17.55
CA SER A 94 20.58 0.62 18.09
C SER A 94 20.77 1.64 16.97
N ALA A 95 20.68 2.90 17.41
CA ALA A 95 20.96 4.06 16.57
C ALA A 95 22.30 3.91 15.89
N GLY A 96 22.32 4.19 14.59
CA GLY A 96 23.57 4.20 13.86
C GLY A 96 23.99 2.82 13.33
N VAL A 97 23.33 1.75 13.73
CA VAL A 97 23.74 0.44 13.30
C VAL A 97 23.58 0.34 11.80
N GLN A 98 24.60 -0.24 11.17
CA GLN A 98 24.57 -0.50 9.73
C GLN A 98 24.86 -1.99 9.49
N ILE A 99 23.94 -2.63 8.76
CA ILE A 99 23.99 -4.05 8.46
C ILE A 99 23.95 -4.23 6.94
N TYR A 100 25.02 -4.86 6.42
CA TYR A 100 25.25 -4.92 5.00
C TYR A 100 25.17 -6.36 4.45
N THR A 101 24.83 -6.45 3.18
CA THR A 101 24.94 -7.68 2.40
C THR A 101 25.69 -7.42 1.10
N HIS A 102 26.31 -6.24 0.96
CA HIS A 102 27.13 -5.93 -0.20
C HIS A 102 28.25 -5.00 0.21
N ASP A 103 29.26 -4.84 -0.67
CA ASP A 103 30.15 -3.68 -0.59
C ASP A 103 30.64 -3.30 -1.97
N THR A 104 31.23 -2.10 -2.06
CA THR A 104 31.63 -1.55 -3.34
C THR A 104 33.13 -1.26 -3.37
N VAL A 105 33.93 -2.00 -2.58
CA VAL A 105 35.36 -1.70 -2.47
C VAL A 105 36.01 -1.89 -3.84
N ARG A 106 35.82 -3.08 -4.41
CA ARG A 106 36.46 -3.44 -5.68
C ARG A 106 35.98 -2.49 -6.78
N LYS A 107 34.67 -2.23 -6.83
CA LYS A 107 34.12 -1.35 -7.85
C LYS A 107 34.85 -0.02 -7.84
N SER A 108 35.05 0.59 -6.67
CA SER A 108 35.76 1.87 -6.63
C SER A 108 37.24 1.70 -6.98
N LEU A 109 37.89 0.74 -6.33
CA LEU A 109 39.35 0.61 -6.42
C LEU A 109 39.77 0.23 -7.84
N SER A 110 38.85 -0.38 -8.58
CA SER A 110 39.11 -0.76 -9.96
C SER A 110 38.72 0.37 -10.92
N GLY A 111 38.32 1.53 -10.39
CA GLY A 111 37.90 2.63 -11.25
C GLY A 111 36.51 2.42 -11.87
N GLY A 112 35.68 1.56 -11.27
CA GLY A 112 34.29 1.48 -11.65
C GLY A 112 34.00 0.24 -12.50
N LYS A 113 35.02 -0.61 -12.67
CA LYS A 113 34.92 -1.73 -13.59
C LYS A 113 34.41 -2.98 -12.88
N ALA A 114 34.90 -3.24 -11.67
CA ALA A 114 34.50 -4.46 -10.96
C ALA A 114 33.02 -4.38 -10.60
N ASP A 115 32.47 -5.57 -10.37
CA ASP A 115 31.12 -5.75 -9.85
C ASP A 115 31.07 -5.51 -8.34
N ILE A 116 29.86 -5.22 -7.86
CA ILE A 116 29.53 -5.22 -6.45
C ILE A 116 29.61 -6.63 -5.89
N ASP A 117 30.20 -6.79 -4.69
CA ASP A 117 30.25 -8.09 -4.04
C ASP A 117 29.14 -8.20 -3.00
N LYS A 118 28.57 -9.40 -2.89
CA LYS A 118 27.34 -9.65 -2.15
C LYS A 118 27.41 -10.94 -1.36
N ALA A 119 26.78 -10.91 -0.19
CA ALA A 119 26.56 -12.10 0.61
C ALA A 119 25.46 -11.83 1.62
N SER A 120 24.56 -12.81 1.81
CA SER A 120 23.46 -12.71 2.75
C SER A 120 23.95 -12.63 4.19
N THR A 121 23.12 -12.02 5.03
CA THR A 121 23.44 -11.77 6.42
C THR A 121 22.23 -12.15 7.26
N ARG A 122 22.48 -12.65 8.47
CA ARG A 122 21.40 -13.08 9.34
C ARG A 122 21.77 -12.81 10.79
N ILE A 123 20.77 -12.39 11.55
CA ILE A 123 20.86 -12.16 12.96
C ILE A 123 19.72 -12.92 13.63
N GLY A 124 20.02 -13.60 14.74
CA GLY A 124 19.01 -14.36 15.44
C GLY A 124 18.06 -13.50 16.27
N SER A 125 17.42 -14.13 17.25
CA SER A 125 16.50 -13.46 18.15
C SER A 125 17.19 -13.11 19.46
N ASP A 126 16.62 -12.13 20.15
CA ASP A 126 17.03 -11.79 21.51
C ASP A 126 18.46 -11.23 21.52
N CYS A 127 18.78 -10.50 20.43
CA CYS A 127 20.09 -9.92 20.22
C CYS A 127 20.12 -8.43 20.52
N TYR A 128 21.29 -7.97 20.92
CA TYR A 128 21.52 -6.56 21.12
C TYR A 128 22.69 -6.14 20.24
N LEU A 129 22.48 -5.16 19.38
CA LEU A 129 23.54 -4.50 18.63
C LEU A 129 23.66 -3.06 19.12
N GLY A 130 24.77 -2.80 19.77
CA GLY A 130 24.98 -1.49 20.37
C GLY A 130 25.19 -0.41 19.31
N PRO A 131 25.04 0.86 19.71
CA PRO A 131 25.21 2.01 18.83
C PRO A 131 26.40 1.93 17.90
N ASN A 132 26.13 2.19 16.62
CA ASN A 132 27.17 2.33 15.61
C ASN A 132 27.87 1.01 15.28
N THR A 133 27.32 -0.13 15.70
CA THR A 133 27.86 -1.39 15.22
C THR A 133 27.74 -1.45 13.71
N ILE A 134 28.76 -2.00 13.07
CA ILE A 134 28.75 -2.27 11.65
C ILE A 134 28.82 -3.77 11.46
N ILE A 135 27.87 -4.32 10.71
CA ILE A 135 27.85 -5.73 10.34
C ILE A 135 28.12 -5.86 8.85
N VAL A 136 29.20 -6.53 8.46
CA VAL A 136 29.51 -6.69 7.04
C VAL A 136 28.73 -7.89 6.46
N LYS A 137 28.80 -7.99 5.15
CA LYS A 137 28.12 -9.03 4.37
C LYS A 137 28.63 -10.42 4.75
N GLY A 138 27.73 -11.39 4.71
CA GLY A 138 28.08 -12.78 4.90
C GLY A 138 28.05 -13.21 6.35
N VAL A 139 27.73 -12.30 7.27
CA VAL A 139 27.86 -12.60 8.67
C VAL A 139 26.60 -13.31 9.15
N LYS A 140 26.78 -14.32 10.02
CA LYS A 140 25.66 -14.91 10.72
C LYS A 140 25.86 -14.70 12.21
N ILE A 141 24.86 -14.09 12.86
CA ILE A 141 24.85 -13.91 14.30
C ILE A 141 23.76 -14.82 14.88
N GLY A 142 24.12 -15.67 15.85
CA GLY A 142 23.17 -16.61 16.45
C GLY A 142 22.17 -15.88 17.35
N ASP A 143 21.53 -16.63 18.24
CA ASP A 143 20.59 -16.05 19.16
C ASP A 143 21.30 -15.58 20.41
N ARG A 144 20.70 -14.58 21.07
CA ARG A 144 21.10 -14.14 22.40
C ARG A 144 22.55 -13.63 22.38
N VAL A 145 22.89 -12.82 21.37
CA VAL A 145 24.22 -12.23 21.26
C VAL A 145 24.17 -10.76 21.68
N VAL A 146 25.21 -10.32 22.42
CA VAL A 146 25.48 -8.92 22.71
C VAL A 146 26.63 -8.48 21.79
N VAL A 147 26.37 -7.46 20.96
CA VAL A 147 27.42 -6.78 20.21
C VAL A 147 27.60 -5.39 20.83
N GLY A 148 28.78 -5.12 21.42
CA GLY A 148 28.98 -3.87 22.09
C GLY A 148 29.01 -2.71 21.08
N ALA A 149 28.70 -1.52 21.58
CA ALA A 149 28.80 -0.30 20.79
C ALA A 149 30.13 -0.23 20.04
N ASN A 150 30.09 0.42 18.87
CA ASN A 150 31.24 0.75 18.03
C ASN A 150 31.97 -0.48 17.51
N SER A 151 31.34 -1.66 17.54
CA SER A 151 31.95 -2.87 16.99
C SER A 151 31.88 -2.91 15.46
N LEU A 152 32.85 -3.62 14.89
CA LEU A 152 32.82 -3.99 13.48
C LEU A 152 32.85 -5.52 13.44
N VAL A 153 31.76 -6.11 12.96
CA VAL A 153 31.65 -7.58 12.95
C VAL A 153 32.02 -8.10 11.57
N LEU A 154 33.11 -8.89 11.49
CA LEU A 154 33.60 -9.44 10.23
C LEU A 154 33.35 -10.95 10.13
N LYS A 155 33.00 -11.63 11.22
CA LYS A 155 32.78 -13.07 11.16
C LYS A 155 31.54 -13.46 11.95
N ASP A 156 31.07 -14.69 11.71
CA ASP A 156 29.94 -15.25 12.42
C ASP A 156 30.17 -15.21 13.93
N ILE A 157 29.08 -15.04 14.68
CA ILE A 157 29.08 -15.07 16.12
C ILE A 157 28.12 -16.16 16.60
N PRO A 158 28.60 -17.14 17.40
CA PRO A 158 27.73 -18.18 17.93
C PRO A 158 26.73 -17.61 18.93
N SER A 159 25.68 -18.37 19.18
CA SER A 159 24.70 -18.02 20.20
C SER A 159 25.33 -17.85 21.57
N ASP A 160 24.71 -16.98 22.39
CA ASP A 160 25.07 -16.72 23.77
C ASP A 160 26.46 -16.09 23.94
N CYS A 161 27.00 -15.46 22.89
CA CYS A 161 28.26 -14.74 23.01
C CYS A 161 28.04 -13.23 23.17
N LYS A 162 29.04 -12.61 23.81
CA LYS A 162 29.16 -11.16 23.92
C LYS A 162 30.45 -10.75 23.21
N VAL A 163 30.34 -9.86 22.21
CA VAL A 163 31.50 -9.49 21.42
C VAL A 163 31.74 -8.00 21.58
N PHE A 164 32.99 -7.60 21.29
CA PHE A 164 33.35 -6.19 21.34
C PHE A 164 34.56 -5.97 20.43
N GLY A 165 34.60 -4.82 19.77
CA GLY A 165 35.84 -4.34 19.18
C GLY A 165 35.73 -4.10 17.68
N SER A 166 36.74 -3.41 17.14
CA SER A 166 36.90 -3.19 15.70
C SER A 166 38.25 -3.76 15.27
N PRO A 167 38.33 -4.99 14.70
CA PRO A 167 37.19 -5.89 14.54
C PRO A 167 36.77 -6.58 15.84
N ALA A 168 35.57 -7.17 15.85
CA ALA A 168 35.00 -7.63 17.10
C ALA A 168 35.58 -9.01 17.46
N VAL A 169 35.79 -9.23 18.75
CA VAL A 169 36.27 -10.52 19.21
C VAL A 169 35.33 -10.98 20.32
N ILE A 170 35.24 -12.30 20.53
CA ILE A 170 34.45 -12.82 21.63
C ILE A 170 35.15 -12.46 22.95
N ILE A 171 34.38 -11.87 23.85
CA ILE A 171 34.89 -11.38 25.13
C ILE A 171 34.45 -12.34 26.24
N THR A 172 33.20 -12.84 26.18
CA THR A 172 32.65 -13.74 27.17
C THR A 172 31.26 -14.20 26.69
N ASP A 173 30.53 -14.92 27.54
CA ASP A 173 29.19 -15.37 27.20
C ASP A 173 28.21 -14.27 27.61
N SER A 174 26.98 -14.33 27.13
CA SER A 174 25.97 -13.31 27.42
C SER A 174 24.93 -13.79 28.46
N LEU A 175 25.23 -14.87 29.20
CA LEU A 175 24.20 -15.51 30.00
C LEU A 175 23.74 -14.56 31.11
N ASN A 176 24.66 -13.80 31.67
CA ASN A 176 24.38 -12.82 32.71
C ASN A 176 23.33 -11.78 32.31
N TYR A 177 23.12 -11.58 31.00
CA TYR A 177 22.17 -10.58 30.53
C TYR A 177 20.79 -11.20 30.35
N GLN A 178 20.71 -12.53 30.43
CA GLN A 178 19.49 -13.24 30.13
C GLN A 178 18.71 -13.49 31.44
N GLY B 3 -3.64 15.63 -6.10
CA GLY B 3 -3.02 16.77 -5.42
C GLY B 3 -1.95 16.33 -4.42
N HIS B 4 -1.71 15.01 -4.34
CA HIS B 4 -0.49 14.49 -3.75
C HIS B 4 0.62 14.62 -4.78
N MET B 5 0.28 14.48 -6.06
CA MET B 5 1.25 14.82 -7.09
C MET B 5 1.55 16.30 -6.99
N ILE B 6 0.54 17.11 -6.66
CA ILE B 6 0.76 18.54 -6.52
C ILE B 6 1.65 18.83 -5.31
N LEU B 7 1.38 18.21 -4.14
CA LEU B 7 2.19 18.49 -2.96
C LEU B 7 3.64 18.08 -3.23
N LEU B 8 3.84 16.94 -3.90
CA LEU B 8 5.15 16.40 -4.19
C LEU B 8 5.91 17.40 -5.06
N LYS B 9 5.23 17.95 -6.08
CA LYS B 9 5.86 18.90 -6.98
C LYS B 9 6.22 20.17 -6.23
N GLU B 10 5.34 20.65 -5.36
CA GLU B 10 5.61 21.83 -4.57
C GLU B 10 6.76 21.60 -3.59
N LEU B 11 6.84 20.38 -3.04
CA LEU B 11 7.95 20.06 -2.14
C LEU B 11 9.27 19.99 -2.89
N LYS B 12 9.30 19.34 -4.07
CA LYS B 12 10.50 19.32 -4.89
C LYS B 12 10.92 20.74 -5.26
N GLU B 13 9.95 21.61 -5.62
CA GLU B 13 10.28 23.00 -5.92
C GLU B 13 10.84 23.74 -4.71
N LEU B 14 10.19 23.59 -3.53
CA LEU B 14 10.68 24.25 -2.34
C LEU B 14 12.10 23.76 -1.99
N PHE B 15 12.38 22.47 -2.17
CA PHE B 15 13.71 21.95 -1.88
C PHE B 15 14.76 22.64 -2.77
N PHE B 16 14.43 22.74 -4.06
CA PHE B 16 15.29 23.42 -5.04
C PHE B 16 15.57 24.84 -4.58
N LEU B 17 14.51 25.56 -4.18
CA LEU B 17 14.62 26.98 -3.81
C LEU B 17 15.35 27.18 -2.50
N ARG B 18 15.05 26.35 -1.49
CA ARG B 18 15.79 26.41 -0.25
C ARG B 18 17.26 26.04 -0.47
N THR B 19 17.54 25.04 -1.33
CA THR B 19 18.93 24.67 -1.55
C THR B 19 19.67 25.87 -2.15
N THR B 20 19.04 26.51 -3.16
CA THR B 20 19.64 27.66 -3.86
C THR B 20 19.90 28.80 -2.88
N TYR B 21 18.94 29.04 -2.01
CA TYR B 21 19.05 30.09 -1.03
C TYR B 21 20.22 29.82 -0.09
N TYR B 22 20.24 28.62 0.49
CA TYR B 22 21.25 28.23 1.46
C TYR B 22 22.64 28.32 0.85
N LEU B 23 22.80 27.89 -0.40
CA LEU B 23 24.11 27.93 -1.04
C LEU B 23 24.59 29.37 -1.17
N LYS B 24 23.68 30.24 -1.63
CA LYS B 24 24.02 31.62 -1.97
C LYS B 24 24.25 32.43 -0.70
N LYS B 25 23.44 32.21 0.33
CA LYS B 25 23.51 33.03 1.54
C LYS B 25 24.37 32.41 2.64
N TYR B 26 24.40 31.08 2.80
CA TYR B 26 25.09 30.47 3.95
C TYR B 26 26.20 29.52 3.50
N ASN B 27 26.46 29.49 2.19
CA ASN B 27 27.46 28.66 1.56
C ASN B 27 27.37 27.22 2.06
N ARG B 28 26.17 26.63 2.02
CA ARG B 28 26.03 25.24 2.41
C ARG B 28 24.76 24.64 1.81
N SER B 29 24.75 23.30 1.73
CA SER B 29 23.60 22.51 1.35
C SER B 29 23.29 21.57 2.50
N LEU B 30 22.04 21.59 2.97
CA LEU B 30 21.61 20.82 4.11
C LEU B 30 20.49 19.87 3.70
N PRO B 31 20.20 18.87 4.56
CA PRO B 31 18.98 18.07 4.40
C PRO B 31 17.74 18.98 4.40
N PHE B 32 16.71 18.54 3.69
CA PHE B 32 15.48 19.30 3.52
C PHE B 32 14.96 19.75 4.90
N GLY B 33 14.90 18.78 5.83
CA GLY B 33 14.40 19.06 7.18
C GLY B 33 15.16 20.21 7.86
N ASP B 34 16.45 20.34 7.55
CA ASP B 34 17.30 21.36 8.16
C ASP B 34 17.21 22.71 7.45
N MET B 35 16.42 22.82 6.38
CA MET B 35 16.21 24.11 5.70
C MET B 35 14.79 24.64 5.94
N ILE B 36 14.10 23.95 6.84
CA ILE B 36 12.81 24.34 7.36
C ILE B 36 13.04 24.75 8.81
N VAL B 37 13.72 23.87 9.58
CA VAL B 37 13.93 24.05 11.02
C VAL B 37 15.13 24.97 11.24
N ASP B 38 14.95 26.05 11.99
CA ASP B 38 16.06 26.90 12.43
C ASP B 38 16.66 26.38 13.73
N ARG B 39 17.99 26.25 13.78
CA ARG B 39 18.68 25.49 14.82
C ARG B 39 18.56 26.18 16.17
N TRP B 40 18.61 27.52 16.17
CA TRP B 40 18.48 28.31 17.38
C TRP B 40 17.03 28.36 17.85
N ASP B 41 16.06 28.46 16.92
CA ASP B 41 14.66 28.42 17.33
C ASP B 41 14.30 27.05 17.87
N LYS B 42 14.83 25.97 17.26
CA LYS B 42 14.58 24.66 17.80
C LYS B 42 15.11 24.55 19.21
N ALA B 43 16.34 25.01 19.43
CA ALA B 43 16.96 24.91 20.75
C ALA B 43 16.08 25.62 21.80
N LYS B 44 15.57 26.79 21.41
CA LYS B 44 14.79 27.66 22.32
C LYS B 44 13.49 26.94 22.68
N LEU B 45 12.87 26.31 21.69
CA LEU B 45 11.64 25.58 21.90
C LEU B 45 11.84 24.39 22.86
N LEU B 46 13.04 23.80 22.85
CA LEU B 46 13.33 22.65 23.71
C LEU B 46 13.78 23.13 25.10
N GLY B 47 13.94 24.44 25.29
CA GLY B 47 14.20 24.99 26.59
C GLY B 47 15.69 25.13 26.89
N PHE B 48 16.55 25.00 25.87
CA PHE B 48 17.99 25.09 26.05
C PHE B 48 18.43 26.53 26.24
N GLY B 49 19.63 26.72 26.77
CA GLY B 49 20.18 28.04 27.05
C GLY B 49 20.45 28.84 25.77
N GLU B 50 20.53 30.16 25.91
CA GLU B 50 20.59 31.04 24.76
C GLU B 50 21.92 30.83 24.03
N GLY B 51 21.87 30.94 22.71
CA GLY B 51 23.03 30.70 21.87
C GLY B 51 23.23 29.21 21.49
N THR B 52 22.49 28.32 22.15
CA THR B 52 22.57 26.89 21.86
C THR B 52 21.81 26.64 20.56
N SER B 53 22.31 25.69 19.77
CA SER B 53 21.73 25.37 18.48
C SER B 53 21.67 23.85 18.35
N ILE B 54 20.65 23.37 17.65
CA ILE B 54 20.45 21.94 17.46
C ILE B 54 19.86 21.67 16.08
N TYR B 55 20.51 20.73 15.35
CA TYR B 55 20.02 20.32 14.04
C TYR B 55 18.65 19.63 14.16
N ASP B 56 17.89 19.67 13.05
CA ASP B 56 16.66 18.92 12.89
C ASP B 56 16.89 17.42 13.13
N SER B 57 18.02 16.87 12.67
CA SER B 57 18.25 15.44 12.66
C SER B 57 18.57 14.86 14.03
N SER B 58 18.54 15.67 15.10
CA SER B 58 18.82 15.21 16.45
C SER B 58 17.55 14.64 17.10
N ILE B 59 17.75 13.69 18.03
CA ILE B 59 16.71 13.09 18.83
C ILE B 59 16.97 13.47 20.29
N VAL B 60 15.96 14.09 20.92
CA VAL B 60 16.10 14.53 22.31
C VAL B 60 14.99 13.84 23.10
N LEU B 61 15.37 12.95 24.01
CA LEU B 61 14.40 12.17 24.75
C LEU B 61 14.38 12.60 26.21
N GLY B 62 13.17 12.80 26.75
CA GLY B 62 12.99 12.98 28.18
C GLY B 62 13.55 14.31 28.67
N GLU B 63 14.09 14.29 29.89
CA GLU B 63 14.57 15.50 30.53
C GLU B 63 16.00 15.72 30.10
N VAL B 64 16.19 16.78 29.32
CA VAL B 64 17.50 17.17 28.86
C VAL B 64 17.63 18.66 29.11
N LYS B 65 18.65 19.02 29.87
CA LYS B 65 19.02 20.41 30.07
C LYS B 65 20.36 20.66 29.41
N VAL B 66 20.42 21.78 28.68
CA VAL B 66 21.61 22.24 28.02
C VAL B 66 21.83 23.73 28.34
N GLY B 67 23.09 24.08 28.58
CA GLY B 67 23.50 25.42 28.93
C GLY B 67 23.56 26.34 27.72
N LYS B 68 24.32 27.44 27.86
CA LYS B 68 24.42 28.45 26.82
C LYS B 68 25.53 28.10 25.83
N ASP B 69 25.37 28.60 24.61
CA ASP B 69 26.37 28.57 23.55
C ASP B 69 26.90 27.16 23.30
N THR B 70 26.05 26.14 23.46
CA THR B 70 26.43 24.77 23.14
C THR B 70 25.91 24.45 21.74
N TRP B 71 26.76 23.76 20.96
CA TRP B 71 26.47 23.39 19.58
C TRP B 71 26.12 21.91 19.54
N ILE B 72 24.84 21.60 19.20
CA ILE B 72 24.40 20.22 19.12
C ILE B 72 24.31 19.85 17.64
N GLY B 73 25.14 18.89 17.27
CA GLY B 73 25.35 18.58 15.88
C GLY B 73 24.27 17.71 15.26
N PRO B 74 24.41 17.43 13.95
CA PRO B 74 23.50 16.54 13.24
C PRO B 74 23.66 15.09 13.64
N ASN B 75 22.55 14.37 13.50
CA ASN B 75 22.50 12.92 13.67
C ASN B 75 22.92 12.54 15.09
N THR B 76 22.59 13.39 16.07
CA THR B 76 22.93 13.19 17.47
C THR B 76 21.72 12.59 18.21
N ILE B 77 22.03 11.99 19.37
CA ILE B 77 21.05 11.45 20.32
C ILE B 77 21.36 12.06 21.69
N LEU B 78 20.42 12.84 22.23
CA LEU B 78 20.50 13.33 23.60
C LEU B 78 19.42 12.63 24.42
N ASP B 79 19.76 11.50 25.07
CA ASP B 79 18.76 10.70 25.75
C ASP B 79 18.82 10.95 27.26
N GLY B 80 17.83 11.69 27.76
CA GLY B 80 17.67 11.90 29.18
C GLY B 80 16.48 11.11 29.74
N SER B 81 16.07 10.03 29.06
CA SER B 81 14.89 9.27 29.49
C SER B 81 15.10 8.51 30.81
N GLY B 82 16.36 8.23 31.22
CA GLY B 82 16.59 7.42 32.40
C GLY B 82 17.17 8.18 33.59
N GLY B 83 16.56 9.30 33.95
CA GLY B 83 16.96 10.04 35.14
C GLY B 83 17.49 11.43 34.81
N GLY B 84 17.50 11.74 33.51
CA GLY B 84 17.84 13.07 33.07
C GLY B 84 19.27 13.15 32.56
N LEU B 85 19.47 14.08 31.62
CA LEU B 85 20.77 14.37 31.03
C LEU B 85 21.01 15.87 31.15
N ILE B 86 22.16 16.25 31.69
CA ILE B 86 22.54 17.64 31.84
C ILE B 86 23.84 17.89 31.10
N ILE B 87 23.84 18.96 30.29
CA ILE B 87 24.98 19.37 29.51
C ILE B 87 25.19 20.84 29.76
N GLY B 88 26.46 21.21 29.98
CA GLY B 88 26.84 22.58 30.27
C GLY B 88 26.88 23.51 29.05
N SER B 89 27.67 24.57 29.22
CA SER B 89 27.80 25.67 28.27
C SER B 89 29.04 25.49 27.39
N ASN B 90 29.02 26.11 26.19
CA ASN B 90 30.14 26.12 25.26
C ASN B 90 30.64 24.72 24.89
N CYS B 91 29.76 23.72 24.89
CA CYS B 91 30.18 22.38 24.52
C CYS B 91 30.01 22.19 23.03
N SER B 92 30.91 21.40 22.42
CA SER B 92 30.76 20.90 21.05
C SER B 92 30.25 19.46 21.15
N ILE B 93 29.00 19.23 20.75
CA ILE B 93 28.46 17.88 20.67
C ILE B 93 28.43 17.52 19.18
N SER B 94 29.50 16.87 18.73
CA SER B 94 29.81 16.73 17.31
C SER B 94 28.76 15.84 16.63
N ALA B 95 28.75 15.92 15.32
CA ALA B 95 27.96 15.03 14.47
C ALA B 95 28.06 13.60 14.95
N GLY B 96 26.91 12.96 15.09
CA GLY B 96 26.83 11.55 15.39
C GLY B 96 27.05 11.18 16.85
N VAL B 97 27.32 12.14 17.74
CA VAL B 97 27.48 11.82 19.15
C VAL B 97 26.14 11.31 19.69
N GLN B 98 26.24 10.24 20.50
CA GLN B 98 25.08 9.64 21.16
C GLN B 98 25.38 9.52 22.66
N ILE B 99 24.50 10.15 23.45
CA ILE B 99 24.61 10.25 24.90
C ILE B 99 23.36 9.64 25.52
N TYR B 100 23.55 8.62 26.37
CA TYR B 100 22.46 7.80 26.86
C TYR B 100 22.31 7.88 28.38
N THR B 101 21.11 7.50 28.80
CA THR B 101 20.77 7.34 30.22
C THR B 101 20.00 6.04 30.45
N HIS B 102 19.95 5.18 29.43
CA HIS B 102 19.30 3.89 29.53
C HIS B 102 19.95 2.96 28.52
N ASP B 103 19.67 1.67 28.65
CA ASP B 103 19.98 0.70 27.62
C ASP B 103 18.99 -0.46 27.76
N THR B 104 18.88 -1.24 26.70
CA THR B 104 17.90 -2.30 26.57
C THR B 104 18.58 -3.64 26.38
N VAL B 105 19.83 -3.80 26.83
CA VAL B 105 20.56 -5.03 26.63
C VAL B 105 19.82 -6.21 27.27
N ARG B 106 19.46 -6.07 28.55
CA ARG B 106 18.77 -7.15 29.27
C ARG B 106 17.38 -7.38 28.71
N LYS B 107 16.66 -6.29 28.41
CA LYS B 107 15.35 -6.46 27.81
C LYS B 107 15.44 -7.40 26.61
N SER B 108 16.40 -7.14 25.70
CA SER B 108 16.53 -7.96 24.49
C SER B 108 17.04 -9.37 24.81
N LEU B 109 18.10 -9.47 25.61
CA LEU B 109 18.78 -10.74 25.81
C LEU B 109 17.86 -11.71 26.57
N SER B 110 16.99 -11.15 27.42
CA SER B 110 15.99 -11.86 28.19
C SER B 110 14.77 -12.28 27.36
N GLY B 111 14.73 -11.97 26.05
CA GLY B 111 13.58 -12.28 25.21
C GLY B 111 12.35 -11.43 25.53
N GLY B 112 12.56 -10.25 26.11
CA GLY B 112 11.50 -9.26 26.26
C GLY B 112 11.03 -9.09 27.70
N LYS B 113 11.70 -9.73 28.66
CA LYS B 113 11.16 -9.86 30.01
C LYS B 113 11.73 -8.77 30.92
N ALA B 114 13.06 -8.62 30.92
CA ALA B 114 13.72 -7.71 31.85
C ALA B 114 13.29 -6.27 31.56
N ASP B 115 13.46 -5.42 32.58
CA ASP B 115 13.23 -4.00 32.45
C ASP B 115 14.42 -3.34 31.74
N ILE B 116 14.16 -2.13 31.25
CA ILE B 116 15.19 -1.23 30.77
C ILE B 116 16.01 -0.78 31.98
N ASP B 117 17.33 -0.73 31.85
CA ASP B 117 18.21 -0.20 32.90
C ASP B 117 18.46 1.29 32.65
N LYS B 118 18.50 2.07 33.73
CA LYS B 118 18.55 3.51 33.64
C LYS B 118 19.54 4.07 34.64
N ALA B 119 20.18 5.17 34.23
CA ALA B 119 21.03 5.94 35.11
C ALA B 119 21.30 7.30 34.47
N SER B 120 21.28 8.35 35.29
CA SER B 120 21.46 9.70 34.80
C SER B 120 22.90 9.92 34.32
N THR B 121 23.07 10.97 33.50
CA THR B 121 24.34 11.28 32.86
C THR B 121 24.49 12.77 32.86
N ARG B 122 25.74 13.19 32.96
CA ARG B 122 26.00 14.63 33.08
C ARG B 122 27.32 14.98 32.39
N ILE B 123 27.33 16.13 31.75
CA ILE B 123 28.53 16.63 31.10
C ILE B 123 28.65 18.07 31.54
N GLY B 124 29.88 18.50 31.84
CA GLY B 124 30.16 19.86 32.25
C GLY B 124 30.21 20.86 31.10
N SER B 125 30.85 22.00 31.39
CA SER B 125 30.98 23.08 30.44
C SER B 125 32.34 23.02 29.76
N ASP B 126 32.44 23.66 28.61
CA ASP B 126 33.71 23.81 27.89
C ASP B 126 34.27 22.44 27.46
N CYS B 127 33.36 21.52 27.09
CA CYS B 127 33.78 20.19 26.70
C CYS B 127 33.66 20.04 25.18
N TYR B 128 34.45 19.11 24.64
CA TYR B 128 34.42 18.75 23.23
C TYR B 128 34.17 17.26 23.15
N LEU B 129 33.04 16.87 22.57
CA LEU B 129 32.79 15.47 22.24
C LEU B 129 32.93 15.30 20.73
N GLY B 130 33.96 14.54 20.33
CA GLY B 130 34.31 14.39 18.92
C GLY B 130 33.29 13.52 18.16
N PRO B 131 33.33 13.52 16.82
CA PRO B 131 32.42 12.74 15.99
C PRO B 131 32.24 11.30 16.47
N ASN B 132 30.97 10.90 16.54
CA ASN B 132 30.60 9.51 16.80
C ASN B 132 31.03 9.02 18.19
N THR B 133 31.28 9.92 19.12
CA THR B 133 31.46 9.53 20.52
C THR B 133 30.14 8.96 21.04
N ILE B 134 30.25 7.85 21.76
CA ILE B 134 29.14 7.27 22.51
C ILE B 134 29.41 7.39 24.01
N ILE B 135 28.46 8.00 24.73
CA ILE B 135 28.47 8.08 26.19
C ILE B 135 27.35 7.21 26.75
N VAL B 136 27.68 6.24 27.62
CA VAL B 136 26.69 5.34 28.17
C VAL B 136 26.07 5.93 29.43
N LYS B 137 25.04 5.24 29.92
CA LYS B 137 24.30 5.70 31.07
C LYS B 137 25.22 5.76 32.29
N GLY B 138 25.00 6.77 33.15
CA GLY B 138 25.65 6.84 34.46
C GLY B 138 26.94 7.65 34.45
N VAL B 139 27.35 8.11 33.28
CA VAL B 139 28.63 8.76 33.15
C VAL B 139 28.51 10.20 33.59
N LYS B 140 29.48 10.62 34.42
CA LYS B 140 29.65 12.02 34.72
C LYS B 140 30.95 12.46 34.07
N ILE B 141 30.86 13.46 33.21
CA ILE B 141 32.01 14.09 32.58
C ILE B 141 32.14 15.46 33.20
N GLY B 142 33.34 15.76 33.73
CA GLY B 142 33.59 17.04 34.36
C GLY B 142 33.72 18.16 33.33
N ASP B 143 34.24 19.30 33.77
CA ASP B 143 34.39 20.45 32.90
C ASP B 143 35.70 20.35 32.12
N ARG B 144 35.74 21.04 30.98
CA ARG B 144 36.93 21.25 30.15
C ARG B 144 37.52 19.89 29.77
N VAL B 145 36.68 18.99 29.23
CA VAL B 145 37.15 17.66 28.85
C VAL B 145 37.14 17.55 27.33
N VAL B 146 38.18 16.88 26.79
CA VAL B 146 38.23 16.49 25.40
C VAL B 146 37.97 15.00 25.27
N VAL B 147 36.95 14.66 24.47
CA VAL B 147 36.70 13.27 24.17
C VAL B 147 36.92 13.10 22.66
N GLY B 148 37.95 12.34 22.29
CA GLY B 148 38.32 12.23 20.90
C GLY B 148 37.25 11.48 20.08
N ALA B 149 37.25 11.74 18.76
CA ALA B 149 36.37 11.04 17.82
C ALA B 149 36.42 9.54 18.06
N ASN B 150 35.26 8.91 17.84
CA ASN B 150 35.08 7.48 17.85
C ASN B 150 35.19 6.83 19.23
N SER B 151 35.18 7.59 20.32
CA SER B 151 35.37 7.04 21.65
C SER B 151 34.07 6.41 22.18
N LEU B 152 34.26 5.46 23.09
CA LEU B 152 33.15 4.90 23.87
C LEU B 152 33.48 5.14 25.33
N VAL B 153 32.72 6.01 25.98
CA VAL B 153 32.98 6.38 27.37
C VAL B 153 32.09 5.53 28.27
N LEU B 154 32.73 4.74 29.16
CA LEU B 154 32.04 3.80 30.03
C LEU B 154 32.10 4.21 31.49
N LYS B 155 32.91 5.21 31.83
CA LYS B 155 33.19 5.59 33.20
C LYS B 155 33.36 7.11 33.29
N ASP B 156 33.28 7.64 34.52
CA ASP B 156 33.39 9.07 34.77
C ASP B 156 34.73 9.61 34.26
N ILE B 157 34.74 10.84 33.78
CA ILE B 157 35.95 11.51 33.36
C ILE B 157 36.10 12.75 34.23
N PRO B 158 37.21 12.89 34.99
CA PRO B 158 37.46 14.13 35.73
C PRO B 158 37.67 15.34 34.82
N SER B 159 37.45 16.53 35.36
CA SER B 159 37.77 17.78 34.69
C SER B 159 39.20 17.82 34.19
N ASP B 160 39.40 18.57 33.10
CA ASP B 160 40.69 18.88 32.50
C ASP B 160 41.37 17.65 31.92
N CYS B 161 40.61 16.62 31.54
CA CYS B 161 41.20 15.44 30.94
C CYS B 161 40.92 15.39 29.44
N LYS B 162 41.84 14.73 28.72
CA LYS B 162 41.62 14.29 27.37
C LYS B 162 41.57 12.77 27.35
N VAL B 163 40.54 12.22 26.70
CA VAL B 163 40.37 10.78 26.63
C VAL B 163 40.21 10.36 25.17
N PHE B 164 40.43 9.06 24.95
CA PHE B 164 40.39 8.50 23.61
C PHE B 164 40.23 6.98 23.69
N GLY B 165 39.40 6.42 22.81
CA GLY B 165 39.40 4.98 22.54
C GLY B 165 38.03 4.37 22.80
N SER B 166 37.92 3.09 22.41
CA SER B 166 36.77 2.27 22.71
C SER B 166 37.27 1.03 23.43
N PRO B 167 37.18 0.92 24.79
CA PRO B 167 36.63 1.96 25.65
C PRO B 167 37.63 3.09 25.86
N ALA B 168 37.15 4.26 26.30
CA ALA B 168 38.01 5.44 26.37
C ALA B 168 38.90 5.37 27.61
N VAL B 169 40.13 5.84 27.45
CA VAL B 169 41.03 5.94 28.59
C VAL B 169 41.64 7.33 28.61
N ILE B 170 42.08 7.76 29.78
CA ILE B 170 42.66 9.08 29.92
C ILE B 170 44.05 9.04 29.28
N ILE B 171 44.32 10.00 28.38
CA ILE B 171 45.51 10.05 27.55
C ILE B 171 46.49 11.07 28.15
N THR B 172 45.93 12.19 28.61
CA THR B 172 46.69 13.32 29.12
C THR B 172 45.67 14.30 29.68
N ASP B 173 46.13 15.53 29.98
CA ASP B 173 45.25 16.61 30.39
C ASP B 173 44.84 17.43 29.16
N SER B 174 43.84 18.30 29.29
CA SER B 174 43.39 19.10 28.15
C SER B 174 43.91 20.55 28.18
N LEU B 175 44.89 20.84 29.05
CA LEU B 175 45.27 22.22 29.29
C LEU B 175 45.81 22.88 28.03
N ASN B 176 46.50 22.14 27.15
CA ASN B 176 47.01 22.71 25.92
C ASN B 176 45.90 23.24 25.01
N TYR B 177 44.67 22.70 25.10
CA TYR B 177 43.58 23.18 24.26
C TYR B 177 42.88 24.41 24.86
N GLN B 178 43.11 24.75 26.15
CA GLN B 178 42.28 25.70 26.88
C GLN B 178 42.62 27.18 26.57
N GLY C 1 -9.36 27.20 6.96
CA GLY C 1 -9.23 26.78 8.36
C GLY C 1 -8.83 25.31 8.48
N GLY C 2 -8.23 24.95 9.61
CA GLY C 2 -7.72 23.61 9.87
C GLY C 2 -6.53 23.26 8.97
N GLY C 3 -5.79 24.30 8.51
CA GLY C 3 -4.80 24.18 7.44
C GLY C 3 -3.68 23.16 7.73
N HIS C 4 -3.08 23.20 8.92
CA HIS C 4 -1.95 22.33 9.22
C HIS C 4 -2.43 20.90 9.46
N MET C 5 -3.70 20.72 9.86
CA MET C 5 -4.28 19.38 9.92
C MET C 5 -4.36 18.76 8.53
N ILE C 6 -4.73 19.57 7.54
CA ILE C 6 -4.85 19.10 6.17
C ILE C 6 -3.46 18.81 5.61
N LEU C 7 -2.50 19.68 5.91
CA LEU C 7 -1.13 19.51 5.45
C LEU C 7 -0.55 18.23 6.03
N LEU C 8 -0.80 17.96 7.33
CA LEU C 8 -0.25 16.76 7.93
C LEU C 8 -0.83 15.51 7.28
N LYS C 9 -2.15 15.53 7.02
CA LYS C 9 -2.83 14.38 6.41
C LYS C 9 -2.31 14.09 5.00
N GLU C 10 -2.07 15.15 4.22
CA GLU C 10 -1.57 14.99 2.86
C GLU C 10 -0.12 14.50 2.88
N LEU C 11 0.69 14.99 3.84
CA LEU C 11 2.06 14.52 4.01
C LEU C 11 2.10 13.02 4.32
N LYS C 12 1.18 12.57 5.20
CA LYS C 12 1.06 11.16 5.54
C LYS C 12 0.65 10.34 4.30
N GLU C 13 -0.32 10.82 3.52
CA GLU C 13 -0.73 10.15 2.32
C GLU C 13 0.45 10.11 1.35
N LEU C 14 1.14 11.25 1.19
CA LEU C 14 2.27 11.27 0.28
C LEU C 14 3.35 10.27 0.73
N PHE C 15 3.59 10.18 2.04
CA PHE C 15 4.60 9.25 2.53
C PHE C 15 4.23 7.81 2.18
N PHE C 16 2.95 7.47 2.32
CA PHE C 16 2.46 6.13 2.05
C PHE C 16 2.62 5.81 0.56
N LEU C 17 2.27 6.77 -0.30
CA LEU C 17 2.30 6.60 -1.74
C LEU C 17 3.74 6.54 -2.26
N ARG C 18 4.63 7.40 -1.72
CA ARG C 18 6.03 7.39 -2.15
C ARG C 18 6.73 6.10 -1.71
N THR C 19 6.42 5.64 -0.49
CA THR C 19 7.01 4.41 0.02
C THR C 19 6.58 3.24 -0.89
N THR C 20 5.29 3.22 -1.27
CA THR C 20 4.74 2.21 -2.14
C THR C 20 5.46 2.17 -3.48
N TYR C 21 5.68 3.36 -4.06
CA TYR C 21 6.34 3.53 -5.33
C TYR C 21 7.81 3.12 -5.26
N TYR C 22 8.51 3.54 -4.20
CA TYR C 22 9.91 3.14 -4.02
C TYR C 22 10.05 1.64 -3.78
N LEU C 23 9.15 1.03 -3.01
CA LEU C 23 9.21 -0.41 -2.85
C LEU C 23 9.05 -1.12 -4.20
N LYS C 24 8.04 -0.72 -5.00
CA LYS C 24 7.72 -1.41 -6.25
C LYS C 24 8.79 -1.17 -7.31
N LYS C 25 9.19 0.08 -7.50
CA LYS C 25 10.12 0.41 -8.56
C LYS C 25 11.56 0.11 -8.16
N TYR C 26 11.96 0.39 -6.90
CA TYR C 26 13.37 0.46 -6.56
C TYR C 26 13.76 -0.50 -5.44
N ASN C 27 12.84 -1.38 -5.03
CA ASN C 27 12.96 -2.34 -3.94
C ASN C 27 13.69 -1.76 -2.71
N ARG C 28 13.23 -0.60 -2.24
CA ARG C 28 13.76 -0.03 -1.01
C ARG C 28 12.73 0.87 -0.35
N SER C 29 12.98 1.16 0.94
CA SER C 29 12.22 2.13 1.72
C SER C 29 13.25 3.10 2.30
N LEU C 30 13.00 4.39 2.05
CA LEU C 30 13.93 5.44 2.38
C LEU C 30 13.25 6.41 3.34
N PRO C 31 14.05 7.26 4.02
CA PRO C 31 13.51 8.43 4.75
C PRO C 31 12.67 9.31 3.82
N PHE C 32 11.64 9.95 4.38
CA PHE C 32 10.74 10.79 3.61
C PHE C 32 11.53 11.79 2.75
N GLY C 33 12.57 12.40 3.32
CA GLY C 33 13.38 13.39 2.61
C GLY C 33 14.03 12.83 1.34
N ASP C 34 14.39 11.53 1.38
CA ASP C 34 15.08 10.86 0.29
C ASP C 34 14.09 10.38 -0.78
N MET C 35 12.79 10.54 -0.52
CA MET C 35 11.79 10.21 -1.52
C MET C 35 11.21 11.47 -2.17
N ILE C 36 11.69 12.64 -1.71
CA ILE C 36 11.45 13.92 -2.34
C ILE C 36 12.69 14.30 -3.13
N VAL C 37 13.86 14.16 -2.49
CA VAL C 37 15.10 14.63 -3.07
C VAL C 37 15.69 13.50 -3.93
N ASP C 38 15.99 13.79 -5.20
CA ASP C 38 16.65 12.86 -6.09
C ASP C 38 18.17 13.04 -5.95
N ARG C 39 18.87 11.92 -5.66
CA ARG C 39 20.30 11.94 -5.35
C ARG C 39 21.16 12.51 -6.48
N TRP C 40 20.80 12.23 -7.74
CA TRP C 40 21.55 12.70 -8.90
C TRP C 40 21.29 14.17 -9.18
N ASP C 41 20.00 14.56 -9.09
CA ASP C 41 19.63 15.95 -9.26
C ASP C 41 20.30 16.80 -8.17
N LYS C 42 20.35 16.30 -6.93
CA LYS C 42 20.98 17.07 -5.86
C LYS C 42 22.47 17.27 -6.14
N ALA C 43 23.16 16.22 -6.56
CA ALA C 43 24.58 16.30 -6.91
C ALA C 43 24.83 17.36 -8.00
N LYS C 44 23.92 17.37 -8.98
CA LYS C 44 23.90 18.31 -10.10
C LYS C 44 23.81 19.74 -9.58
N LEU C 45 22.86 19.95 -8.67
CA LEU C 45 22.61 21.25 -8.10
C LEU C 45 23.79 21.77 -7.28
N LEU C 46 24.58 20.87 -6.66
CA LEU C 46 25.75 21.26 -5.89
C LEU C 46 26.99 21.34 -6.78
N GLY C 47 26.85 21.04 -8.08
CA GLY C 47 27.92 21.21 -9.04
C GLY C 47 28.95 20.07 -9.04
N PHE C 48 28.56 18.91 -8.53
CA PHE C 48 29.38 17.73 -8.55
C PHE C 48 29.42 17.19 -9.98
N GLY C 49 30.35 16.26 -10.24
CA GLY C 49 30.50 15.73 -11.59
C GLY C 49 29.41 14.77 -11.99
N GLU C 50 29.33 14.51 -13.31
CA GLU C 50 28.36 13.61 -13.90
C GLU C 50 28.48 12.23 -13.27
N GLY C 51 27.34 11.61 -12.99
CA GLY C 51 27.25 10.30 -12.40
C GLY C 51 27.30 10.29 -10.86
N THR C 52 27.62 11.44 -10.27
CA THR C 52 27.73 11.54 -8.81
C THR C 52 26.33 11.59 -8.21
N SER C 53 26.17 10.94 -7.05
CA SER C 53 24.91 10.98 -6.33
C SER C 53 25.15 11.39 -4.87
N ILE C 54 24.17 12.05 -4.25
CA ILE C 54 24.27 12.38 -2.83
C ILE C 54 22.89 12.35 -2.21
N TYR C 55 22.76 11.62 -1.09
CA TYR C 55 21.53 11.53 -0.31
C TYR C 55 21.14 12.89 0.27
N ASP C 56 19.83 13.03 0.53
CA ASP C 56 19.27 14.21 1.20
C ASP C 56 19.93 14.45 2.57
N SER C 57 20.19 13.35 3.30
CA SER C 57 20.66 13.38 4.67
C SER C 57 22.11 13.86 4.81
N SER C 58 22.78 14.17 3.68
CA SER C 58 24.16 14.66 3.71
C SER C 58 24.23 16.15 3.99
N ILE C 59 25.30 16.58 4.68
CA ILE C 59 25.59 17.99 4.91
C ILE C 59 26.84 18.36 4.09
N VAL C 60 26.70 19.41 3.28
CA VAL C 60 27.81 19.90 2.47
C VAL C 60 28.09 21.36 2.81
N LEU C 61 29.26 21.63 3.40
CA LEU C 61 29.60 22.97 3.86
C LEU C 61 30.70 23.56 2.97
N GLY C 62 30.51 24.84 2.61
CA GLY C 62 31.60 25.62 2.01
C GLY C 62 31.94 25.05 0.64
N GLU C 63 33.23 25.10 0.27
CA GLU C 63 33.67 24.75 -1.06
C GLU C 63 33.98 23.26 -1.08
N VAL C 64 33.17 22.51 -1.82
CA VAL C 64 33.35 21.09 -1.97
C VAL C 64 33.29 20.77 -3.45
N LYS C 65 34.37 20.16 -3.95
CA LYS C 65 34.41 19.69 -5.33
C LYS C 65 34.37 18.18 -5.31
N VAL C 66 33.59 17.58 -6.20
CA VAL C 66 33.54 16.14 -6.29
C VAL C 66 33.60 15.74 -7.77
N GLY C 67 34.41 14.73 -8.10
CA GLY C 67 34.53 14.22 -9.47
C GLY C 67 33.32 13.43 -9.94
N LYS C 68 33.53 12.61 -10.96
CA LYS C 68 32.49 11.89 -11.65
C LYS C 68 32.24 10.56 -10.96
N ASP C 69 31.01 10.07 -11.06
CA ASP C 69 30.69 8.71 -10.69
C ASP C 69 31.05 8.44 -9.22
N THR C 70 31.05 9.48 -8.37
CA THR C 70 31.27 9.31 -6.94
C THR C 70 29.94 9.16 -6.22
N TRP C 71 29.86 8.21 -5.28
CA TRP C 71 28.67 7.89 -4.53
C TRP C 71 28.84 8.48 -3.13
N ILE C 72 28.05 9.49 -2.77
CA ILE C 72 28.00 10.07 -1.42
C ILE C 72 26.79 9.51 -0.67
N GLY C 73 27.08 8.78 0.41
CA GLY C 73 26.06 8.01 1.10
C GLY C 73 25.23 8.86 2.07
N PRO C 74 24.30 8.22 2.77
CA PRO C 74 23.46 8.88 3.76
C PRO C 74 24.24 9.26 4.99
N ASN C 75 23.75 10.29 5.69
CA ASN C 75 24.21 10.65 7.02
C ASN C 75 25.69 11.03 6.98
N THR C 76 26.13 11.61 5.85
CA THR C 76 27.53 11.94 5.67
C THR C 76 27.71 13.45 5.91
N ILE C 77 28.97 13.82 6.06
CA ILE C 77 29.38 15.20 6.24
C ILE C 77 30.55 15.44 5.30
N LEU C 78 30.35 16.39 4.38
CA LEU C 78 31.39 16.85 3.45
C LEU C 78 31.66 18.31 3.80
N ASP C 79 32.59 18.50 4.73
CA ASP C 79 32.87 19.82 5.25
C ASP C 79 34.10 20.42 4.56
N GLY C 80 33.82 21.37 3.67
CA GLY C 80 34.87 22.14 3.00
C GLY C 80 34.99 23.60 3.47
N SER C 81 34.57 23.87 4.70
CA SER C 81 34.47 25.23 5.22
C SER C 81 35.83 25.82 5.57
N GLY C 82 36.83 24.97 5.84
CA GLY C 82 38.15 25.46 6.26
C GLY C 82 39.19 25.33 5.13
N GLY C 83 38.91 25.95 3.99
CA GLY C 83 39.86 26.05 2.87
C GLY C 83 39.57 25.05 1.75
N GLY C 84 38.41 24.39 1.82
CA GLY C 84 37.98 23.56 0.71
C GLY C 84 38.26 22.07 0.89
N LEU C 85 37.36 21.28 0.30
CA LEU C 85 37.47 19.83 0.25
C LEU C 85 37.35 19.41 -1.20
N ILE C 86 38.30 18.58 -1.64
CA ILE C 86 38.26 18.03 -2.98
C ILE C 86 38.19 16.50 -2.92
N ILE C 87 37.27 15.93 -3.68
CA ILE C 87 37.12 14.49 -3.80
C ILE C 87 37.13 14.16 -5.29
N GLY C 88 37.81 13.06 -5.64
CA GLY C 88 37.93 12.61 -7.01
C GLY C 88 36.72 11.80 -7.51
N SER C 89 37.01 10.94 -8.49
CA SER C 89 36.01 10.22 -9.26
C SER C 89 35.96 8.79 -8.80
N ASN C 90 34.82 8.15 -8.97
CA ASN C 90 34.60 6.75 -8.65
C ASN C 90 34.82 6.43 -7.17
N CYS C 91 34.70 7.41 -6.29
CA CYS C 91 34.84 7.13 -4.86
C CYS C 91 33.51 6.65 -4.24
N SER C 92 33.63 5.71 -3.28
CA SER C 92 32.59 5.29 -2.35
C SER C 92 32.80 6.07 -1.05
N ILE C 93 31.91 7.03 -0.80
CA ILE C 93 31.85 7.71 0.49
C ILE C 93 30.67 7.11 1.26
N SER C 94 30.98 6.12 2.11
CA SER C 94 30.00 5.25 2.73
C SER C 94 29.11 6.03 3.71
N ALA C 95 28.01 5.36 4.07
CA ALA C 95 27.11 5.87 5.09
C ALA C 95 27.92 6.27 6.31
N GLY C 96 27.61 7.47 6.81
CA GLY C 96 28.14 7.91 8.09
C GLY C 96 29.53 8.54 8.01
N VAL C 97 30.13 8.56 6.82
CA VAL C 97 31.47 9.10 6.72
C VAL C 97 31.39 10.58 6.96
N GLN C 98 32.37 11.11 7.71
CA GLN C 98 32.48 12.54 8.01
C GLN C 98 33.88 13.00 7.61
N ILE C 99 33.93 14.02 6.74
CA ILE C 99 35.17 14.56 6.22
C ILE C 99 35.23 16.03 6.56
N TYR C 100 36.27 16.43 7.30
CA TYR C 100 36.36 17.76 7.90
C TYR C 100 37.55 18.57 7.37
N THR C 101 37.39 19.90 7.41
CA THR C 101 38.46 20.88 7.22
C THR C 101 38.50 21.87 8.37
N HIS C 102 37.82 21.54 9.48
CA HIS C 102 37.88 22.42 10.63
C HIS C 102 37.62 21.59 11.86
N ASP C 103 37.94 22.14 13.04
CA ASP C 103 37.36 21.62 14.28
C ASP C 103 37.22 22.78 15.28
N THR C 104 36.49 22.49 16.35
CA THR C 104 36.11 23.47 17.34
C THR C 104 36.60 23.07 18.73
N VAL C 105 37.69 22.30 18.83
CA VAL C 105 38.17 21.78 20.10
C VAL C 105 38.59 22.94 21.00
N ARG C 106 39.53 23.75 20.53
CA ARG C 106 40.06 24.86 21.30
C ARG C 106 38.94 25.85 21.61
N LYS C 107 38.04 26.11 20.63
CA LYS C 107 36.95 27.04 20.88
C LYS C 107 36.12 26.60 22.08
N SER C 108 35.83 25.30 22.17
CA SER C 108 35.08 24.81 23.32
C SER C 108 35.93 24.83 24.58
N LEU C 109 37.16 24.31 24.48
CA LEU C 109 37.96 24.06 25.67
C LEU C 109 38.35 25.39 26.33
N SER C 110 38.44 26.47 25.53
CA SER C 110 38.73 27.82 26.00
C SER C 110 37.48 28.56 26.45
N GLY C 111 36.35 27.89 26.61
CA GLY C 111 35.10 28.53 26.99
C GLY C 111 34.63 29.56 25.97
N GLY C 112 34.89 29.31 24.68
CA GLY C 112 34.30 30.12 23.63
C GLY C 112 35.21 31.22 23.12
N LYS C 113 36.51 31.18 23.39
CA LYS C 113 37.35 32.34 23.12
C LYS C 113 38.28 32.09 21.94
N ALA C 114 38.72 30.85 21.76
CA ALA C 114 39.65 30.52 20.69
C ALA C 114 38.91 30.49 19.36
N ASP C 115 39.67 30.69 18.27
CA ASP C 115 39.16 30.58 16.92
C ASP C 115 38.95 29.11 16.55
N ILE C 116 38.12 28.89 15.53
CA ILE C 116 38.02 27.62 14.84
C ILE C 116 39.36 27.37 14.13
N ASP C 117 39.87 26.14 14.17
CA ASP C 117 41.09 25.78 13.46
C ASP C 117 40.69 25.12 12.14
N LYS C 118 41.43 25.46 11.08
CA LYS C 118 41.03 25.10 9.72
C LYS C 118 42.22 24.56 8.95
N ALA C 119 41.96 23.63 8.04
CA ALA C 119 42.96 23.15 7.09
C ALA C 119 42.26 22.35 6.00
N SER C 120 42.64 22.56 4.74
CA SER C 120 42.00 21.92 3.61
C SER C 120 42.27 20.42 3.61
N THR C 121 41.36 19.69 2.98
CA THR C 121 41.42 18.24 2.94
C THR C 121 41.21 17.79 1.50
N ARG C 122 41.83 16.68 1.12
CA ARG C 122 41.75 16.23 -0.26
C ARG C 122 41.75 14.71 -0.31
N ILE C 123 40.93 14.18 -1.22
CA ILE C 123 40.84 12.75 -1.43
C ILE C 123 40.92 12.54 -2.94
N GLY C 124 41.73 11.54 -3.35
CA GLY C 124 41.93 11.24 -4.76
C GLY C 124 40.75 10.53 -5.41
N SER C 125 41.03 9.85 -6.53
CA SER C 125 40.05 9.06 -7.27
C SER C 125 40.19 7.59 -6.90
N ASP C 126 39.12 6.82 -7.16
CA ASP C 126 39.09 5.38 -7.00
C ASP C 126 39.33 5.00 -5.54
N CYS C 127 38.74 5.76 -4.60
CA CYS C 127 38.93 5.50 -3.17
C CYS C 127 37.66 4.93 -2.57
N TYR C 128 37.84 4.09 -1.54
CA TYR C 128 36.74 3.55 -0.75
C TYR C 128 36.92 4.05 0.69
N LEU C 129 35.97 4.84 1.17
CA LEU C 129 35.90 5.13 2.60
C LEU C 129 34.77 4.33 3.21
N GLY C 130 35.13 3.43 4.12
CA GLY C 130 34.16 2.53 4.72
C GLY C 130 33.21 3.25 5.69
N PRO C 131 32.09 2.59 6.07
CA PRO C 131 31.13 3.17 7.01
C PRO C 131 31.75 3.82 8.24
N ASN C 132 31.33 5.05 8.52
CA ASN C 132 31.67 5.75 9.75
C ASN C 132 33.16 6.10 9.83
N THR C 133 33.87 6.11 8.71
CA THR C 133 35.20 6.70 8.66
C THR C 133 35.11 8.20 8.97
N ILE C 134 36.05 8.67 9.80
CA ILE C 134 36.19 10.08 10.09
C ILE C 134 37.55 10.52 9.55
N ILE C 135 37.54 11.57 8.72
CA ILE C 135 38.75 12.20 8.17
C ILE C 135 38.83 13.59 8.76
N VAL C 136 39.96 13.92 9.43
CA VAL C 136 40.14 15.20 10.09
C VAL C 136 40.72 16.20 9.09
N LYS C 137 40.76 17.46 9.49
CA LYS C 137 41.29 18.52 8.66
C LYS C 137 42.77 18.32 8.33
N GLY C 138 43.15 18.86 7.17
CA GLY C 138 44.54 18.84 6.76
C GLY C 138 44.94 17.55 6.06
N VAL C 139 44.06 16.55 6.00
CA VAL C 139 44.46 15.25 5.51
C VAL C 139 44.44 15.21 4.00
N LYS C 140 45.45 14.57 3.41
CA LYS C 140 45.51 14.34 1.99
C LYS C 140 45.57 12.83 1.76
N ILE C 141 44.55 12.33 1.05
CA ILE C 141 44.47 10.95 0.66
C ILE C 141 44.75 10.86 -0.84
N GLY C 142 45.70 9.97 -1.23
CA GLY C 142 46.02 9.72 -2.62
C GLY C 142 44.93 8.94 -3.35
N ASP C 143 45.30 8.39 -4.52
CA ASP C 143 44.37 7.63 -5.36
C ASP C 143 44.39 6.19 -4.93
N ARG C 144 43.29 5.47 -5.19
CA ARG C 144 43.23 4.02 -5.02
C ARG C 144 43.54 3.63 -3.56
N VAL C 145 42.83 4.29 -2.61
CA VAL C 145 43.06 4.02 -1.20
C VAL C 145 41.79 3.36 -0.65
N VAL C 146 41.98 2.33 0.16
CA VAL C 146 40.91 1.76 0.99
C VAL C 146 41.10 2.24 2.43
N VAL C 147 40.07 2.89 2.98
CA VAL C 147 39.97 3.15 4.40
C VAL C 147 38.92 2.23 4.97
N GLY C 148 39.30 1.35 5.90
CA GLY C 148 38.32 0.42 6.44
C GLY C 148 37.27 1.15 7.28
N ALA C 149 36.14 0.49 7.51
CA ALA C 149 35.07 1.00 8.35
C ALA C 149 35.59 1.37 9.73
N ASN C 150 34.97 2.40 10.33
CA ASN C 150 35.25 2.80 11.69
C ASN C 150 36.63 3.45 11.87
N SER C 151 37.31 3.83 10.80
CA SER C 151 38.65 4.38 10.92
C SER C 151 38.57 5.86 11.29
N LEU C 152 39.63 6.32 11.91
CA LEU C 152 39.87 7.73 12.15
C LEU C 152 41.22 8.09 11.51
N VAL C 153 41.18 8.91 10.47
CA VAL C 153 42.37 9.19 9.68
C VAL C 153 42.91 10.54 10.12
N LEU C 154 44.13 10.51 10.68
CA LEU C 154 44.72 11.69 11.26
C LEU C 154 45.85 12.23 10.39
N LYS C 155 46.35 11.44 9.45
CA LYS C 155 47.51 11.86 8.65
C LYS C 155 47.33 11.45 7.19
N ASP C 156 48.17 11.99 6.30
CA ASP C 156 48.09 11.75 4.88
C ASP C 156 48.20 10.26 4.62
N ILE C 157 47.55 9.82 3.55
CA ILE C 157 47.63 8.45 3.12
C ILE C 157 48.14 8.44 1.70
N PRO C 158 49.27 7.75 1.40
CA PRO C 158 49.76 7.65 0.01
C PRO C 158 48.83 6.81 -0.85
N SER C 159 48.90 7.00 -2.19
CA SER C 159 48.16 6.19 -3.14
C SER C 159 48.47 4.70 -2.95
N ASP C 160 47.48 3.86 -3.29
CA ASP C 160 47.62 2.41 -3.37
C ASP C 160 47.77 1.76 -1.99
N CYS C 161 47.26 2.43 -0.94
CA CYS C 161 47.38 1.94 0.43
C CYS C 161 46.02 1.48 0.97
N LYS C 162 46.04 0.52 1.90
CA LYS C 162 44.89 0.17 2.69
C LYS C 162 45.17 0.48 4.14
N VAL C 163 44.24 1.23 4.77
CA VAL C 163 44.38 1.62 6.16
C VAL C 163 43.18 1.13 6.98
N PHE C 164 43.41 1.05 8.28
CA PHE C 164 42.42 0.65 9.25
C PHE C 164 42.82 1.15 10.63
N GLY C 165 41.81 1.53 11.43
CA GLY C 165 41.95 1.70 12.87
C GLY C 165 41.55 3.10 13.32
N SER C 166 41.42 3.29 14.65
CA SER C 166 41.29 4.60 15.25
C SER C 166 42.44 4.79 16.23
N PRO C 167 43.54 5.51 15.91
CA PRO C 167 43.74 6.16 14.60
C PRO C 167 44.19 5.13 13.57
N ALA C 168 44.08 5.50 12.31
CA ALA C 168 44.29 4.56 11.22
C ALA C 168 45.79 4.40 10.94
N VAL C 169 46.14 3.18 10.57
CA VAL C 169 47.50 2.85 10.18
C VAL C 169 47.46 2.13 8.83
N ILE C 170 48.55 2.25 8.09
CA ILE C 170 48.68 1.54 6.85
C ILE C 170 48.87 0.08 7.20
N ILE C 171 48.07 -0.80 6.63
CA ILE C 171 48.18 -2.21 6.99
C ILE C 171 48.75 -3.00 5.81
N THR C 172 48.55 -2.47 4.60
CA THR C 172 49.06 -3.10 3.40
C THR C 172 48.72 -2.20 2.23
N ASP C 173 48.96 -2.71 1.02
CA ASP C 173 48.62 -2.02 -0.21
C ASP C 173 47.20 -2.44 -0.63
N SER C 174 46.63 -1.73 -1.61
CA SER C 174 45.27 -1.96 -2.07
C SER C 174 45.21 -2.71 -3.40
N LEU C 175 46.35 -3.24 -3.88
CA LEU C 175 46.42 -3.79 -5.23
C LEU C 175 45.48 -4.99 -5.40
N ASN C 176 45.32 -5.82 -4.36
CA ASN C 176 44.36 -6.93 -4.35
C ASN C 176 42.95 -6.50 -4.78
N TYR C 177 42.60 -5.23 -4.52
CA TYR C 177 41.24 -4.72 -4.73
C TYR C 177 41.12 -4.14 -6.14
N GLN C 178 42.25 -3.76 -6.74
CA GLN C 178 42.24 -3.10 -8.04
C GLN C 178 42.16 -4.18 -9.14
N GLY D 3 -1.37 -20.59 10.92
CA GLY D 3 -1.01 -20.79 9.51
C GLY D 3 -1.99 -20.08 8.59
N HIS D 4 -3.28 -20.45 8.71
N HIS D 4 -3.29 -20.42 8.70
CA HIS D 4 -4.36 -19.81 8.00
CA HIS D 4 -4.31 -19.74 7.93
C HIS D 4 -4.74 -18.50 8.68
C HIS D 4 -4.82 -18.50 8.69
N MET D 5 -4.56 -18.42 10.01
CA MET D 5 -4.87 -17.17 10.69
C MET D 5 -3.85 -16.12 10.28
N ILE D 6 -2.60 -16.54 10.10
CA ILE D 6 -1.54 -15.68 9.58
C ILE D 6 -1.89 -15.24 8.15
N LEU D 7 -2.19 -16.20 7.26
CA LEU D 7 -2.57 -15.85 5.89
C LEU D 7 -3.80 -14.94 5.90
N LEU D 8 -4.83 -15.25 6.69
CA LEU D 8 -6.01 -14.39 6.70
C LEU D 8 -5.59 -12.97 7.11
N LYS D 9 -4.74 -12.84 8.15
CA LYS D 9 -4.38 -11.53 8.66
C LYS D 9 -3.65 -10.75 7.57
N GLU D 10 -2.81 -11.45 6.82
CA GLU D 10 -2.00 -10.81 5.79
C GLU D 10 -2.88 -10.38 4.60
N LEU D 11 -3.90 -11.18 4.27
CA LEU D 11 -4.85 -10.80 3.23
C LEU D 11 -5.67 -9.58 3.64
N LYS D 12 -6.08 -9.51 4.91
CA LYS D 12 -6.81 -8.34 5.38
C LYS D 12 -5.91 -7.10 5.33
N GLU D 13 -4.65 -7.24 5.76
CA GLU D 13 -3.71 -6.12 5.72
C GLU D 13 -3.54 -5.64 4.27
N LEU D 14 -3.33 -6.60 3.37
CA LEU D 14 -3.16 -6.28 1.96
C LEU D 14 -4.41 -5.60 1.41
N PHE D 15 -5.59 -6.07 1.81
CA PHE D 15 -6.81 -5.41 1.37
C PHE D 15 -6.87 -3.95 1.83
N PHE D 16 -6.52 -3.70 3.10
CA PHE D 16 -6.57 -2.35 3.63
C PHE D 16 -5.55 -1.46 2.91
N LEU D 17 -4.35 -1.98 2.65
CA LEU D 17 -3.30 -1.24 1.96
C LEU D 17 -3.60 -0.99 0.48
N ARG D 18 -4.03 -2.02 -0.25
CA ARG D 18 -4.44 -1.84 -1.64
C ARG D 18 -5.60 -0.86 -1.79
N THR D 19 -6.60 -0.95 -0.91
CA THR D 19 -7.75 -0.07 -0.95
C THR D 19 -7.26 1.36 -0.69
N THR D 20 -6.39 1.54 0.32
CA THR D 20 -5.92 2.88 0.62
C THR D 20 -5.19 3.44 -0.60
N TYR D 21 -4.37 2.60 -1.21
CA TYR D 21 -3.63 2.92 -2.44
C TYR D 21 -4.58 3.39 -3.54
N TYR D 22 -5.57 2.54 -3.87
CA TYR D 22 -6.51 2.79 -4.96
C TYR D 22 -7.33 4.06 -4.70
N LEU D 23 -7.71 4.31 -3.43
CA LEU D 23 -8.43 5.52 -3.09
C LEU D 23 -7.53 6.74 -3.29
N LYS D 24 -6.28 6.71 -2.80
CA LYS D 24 -5.50 7.94 -2.79
C LYS D 24 -4.91 8.22 -4.16
N LYS D 25 -4.49 7.17 -4.86
CA LYS D 25 -3.85 7.30 -6.15
C LYS D 25 -4.84 7.30 -7.31
N TYR D 26 -5.93 6.51 -7.22
CA TYR D 26 -6.79 6.32 -8.39
C TYR D 26 -8.23 6.74 -8.15
N ASN D 27 -8.51 7.34 -6.98
CA ASN D 27 -9.81 7.87 -6.63
C ASN D 27 -10.92 6.80 -6.75
N ARG D 28 -10.67 5.56 -6.31
CA ARG D 28 -11.69 4.53 -6.42
C ARG D 28 -11.39 3.39 -5.45
N SER D 29 -12.45 2.62 -5.18
CA SER D 29 -12.42 1.44 -4.37
C SER D 29 -12.97 0.27 -5.19
N LEU D 30 -12.21 -0.81 -5.26
CA LEU D 30 -12.57 -1.93 -6.11
C LEU D 30 -12.67 -3.18 -5.27
N PRO D 31 -13.27 -4.24 -5.85
CA PRO D 31 -13.18 -5.59 -5.29
C PRO D 31 -11.73 -6.04 -5.16
N PHE D 32 -11.47 -6.85 -4.16
CA PHE D 32 -10.13 -7.35 -3.86
C PHE D 32 -9.53 -7.96 -5.13
N GLY D 33 -10.29 -8.77 -5.87
CA GLY D 33 -9.80 -9.39 -7.10
C GLY D 33 -9.31 -8.36 -8.13
N ASP D 34 -9.95 -7.19 -8.15
CA ASP D 34 -9.61 -6.17 -9.12
C ASP D 34 -8.43 -5.31 -8.67
N MET D 35 -7.88 -5.56 -7.49
CA MET D 35 -6.73 -4.80 -7.00
C MET D 35 -5.46 -5.64 -7.03
N ILE D 36 -5.59 -6.83 -7.61
CA ILE D 36 -4.47 -7.70 -7.92
C ILE D 36 -4.26 -7.70 -9.44
N VAL D 37 -5.39 -7.83 -10.16
CA VAL D 37 -5.44 -7.99 -11.60
C VAL D 37 -5.48 -6.62 -12.27
N ASP D 38 -4.43 -6.27 -13.04
CA ASP D 38 -4.45 -5.17 -14.00
C ASP D 38 -5.28 -5.53 -15.25
N ARG D 39 -6.22 -4.63 -15.56
CA ARG D 39 -7.21 -4.83 -16.61
C ARG D 39 -6.59 -4.95 -17.99
N TRP D 40 -5.51 -4.17 -18.26
CA TRP D 40 -4.89 -4.16 -19.57
C TRP D 40 -3.99 -5.37 -19.73
N ASP D 41 -3.30 -5.74 -18.64
CA ASP D 41 -2.50 -6.98 -18.63
C ASP D 41 -3.40 -8.18 -18.84
N LYS D 42 -4.56 -8.22 -18.18
CA LYS D 42 -5.42 -9.38 -18.36
C LYS D 42 -5.90 -9.51 -19.81
N ALA D 43 -6.29 -8.39 -20.44
CA ALA D 43 -6.81 -8.38 -21.81
C ALA D 43 -5.72 -8.89 -22.78
N LYS D 44 -4.47 -8.45 -22.54
CA LYS D 44 -3.31 -8.88 -23.32
C LYS D 44 -3.15 -10.39 -23.25
N LEU D 45 -3.15 -10.93 -22.03
CA LEU D 45 -3.07 -12.36 -21.82
C LEU D 45 -4.19 -13.15 -22.53
N LEU D 46 -5.41 -12.56 -22.63
CA LEU D 46 -6.51 -13.25 -23.28
C LEU D 46 -6.44 -13.08 -24.80
N GLY D 47 -5.47 -12.30 -25.29
CA GLY D 47 -5.22 -12.19 -26.72
C GLY D 47 -6.00 -11.06 -27.39
N PHE D 48 -6.55 -10.14 -26.58
CA PHE D 48 -7.38 -9.06 -27.09
C PHE D 48 -6.50 -7.95 -27.66
N GLY D 49 -7.07 -7.15 -28.56
CA GLY D 49 -6.35 -6.09 -29.25
C GLY D 49 -5.77 -5.06 -28.28
N GLU D 50 -4.71 -4.37 -28.71
CA GLU D 50 -4.09 -3.30 -27.94
C GLU D 50 -5.15 -2.35 -27.41
N GLY D 51 -4.93 -1.83 -26.20
CA GLY D 51 -5.75 -0.76 -25.64
C GLY D 51 -7.03 -1.29 -24.96
N THR D 52 -7.31 -2.59 -25.12
CA THR D 52 -8.47 -3.20 -24.50
C THR D 52 -8.17 -3.53 -23.05
N SER D 53 -9.22 -3.40 -22.22
CA SER D 53 -9.19 -3.66 -20.79
C SER D 53 -10.36 -4.60 -20.42
N ILE D 54 -10.12 -5.48 -19.43
CA ILE D 54 -11.16 -6.34 -18.89
C ILE D 54 -11.05 -6.46 -17.37
N TYR D 55 -12.16 -6.27 -16.65
CA TYR D 55 -12.15 -6.45 -15.19
C TYR D 55 -11.91 -7.90 -14.78
N ASP D 56 -11.44 -8.11 -13.54
CA ASP D 56 -11.30 -9.45 -12.97
C ASP D 56 -12.63 -10.21 -12.99
N SER D 57 -13.74 -9.52 -12.67
CA SER D 57 -15.03 -10.15 -12.47
C SER D 57 -15.69 -10.65 -13.76
N SER D 58 -15.00 -10.63 -14.88
CA SER D 58 -15.56 -11.03 -16.15
C SER D 58 -15.28 -12.51 -16.38
N ILE D 59 -16.19 -13.17 -17.11
CA ILE D 59 -16.06 -14.56 -17.52
C ILE D 59 -15.96 -14.63 -19.04
N VAL D 60 -14.91 -15.31 -19.53
CA VAL D 60 -14.63 -15.35 -20.96
C VAL D 60 -14.47 -16.82 -21.32
N LEU D 61 -15.41 -17.35 -22.11
CA LEU D 61 -15.46 -18.77 -22.42
C LEU D 61 -15.17 -18.97 -23.91
N GLY D 62 -14.34 -19.97 -24.22
CA GLY D 62 -14.18 -20.41 -25.59
C GLY D 62 -13.45 -19.37 -26.41
N GLU D 63 -13.74 -19.32 -27.71
CA GLU D 63 -13.02 -18.42 -28.59
C GLU D 63 -13.69 -17.05 -28.57
N VAL D 64 -12.94 -16.06 -28.14
CA VAL D 64 -13.45 -14.71 -28.08
C VAL D 64 -12.36 -13.82 -28.62
N LYS D 65 -12.68 -13.12 -29.71
CA LYS D 65 -11.79 -12.14 -30.27
C LYS D 65 -12.32 -10.75 -29.94
N VAL D 66 -11.42 -9.85 -29.56
CA VAL D 66 -11.78 -8.49 -29.27
C VAL D 66 -10.76 -7.54 -29.90
N GLY D 67 -11.22 -6.47 -30.57
CA GLY D 67 -10.36 -5.50 -31.23
C GLY D 67 -9.68 -4.53 -30.27
N LYS D 68 -9.30 -3.36 -30.81
CA LYS D 68 -8.55 -2.35 -30.08
C LYS D 68 -9.51 -1.44 -29.33
N ASP D 69 -9.01 -0.96 -28.18
CA ASP D 69 -9.62 0.11 -27.42
C ASP D 69 -11.07 -0.22 -27.02
N THR D 70 -11.37 -1.51 -26.81
CA THR D 70 -12.67 -1.89 -26.28
C THR D 70 -12.56 -2.05 -24.76
N TRP D 71 -13.60 -1.60 -24.05
CA TRP D 71 -13.66 -1.60 -22.59
C TRP D 71 -14.64 -2.69 -22.16
N ILE D 72 -14.15 -3.72 -21.42
CA ILE D 72 -14.98 -4.83 -20.98
C ILE D 72 -15.18 -4.67 -19.47
N GLY D 73 -16.44 -4.42 -19.12
CA GLY D 73 -16.79 -3.97 -17.81
C GLY D 73 -16.83 -5.10 -16.80
N PRO D 74 -17.10 -4.74 -15.51
CA PRO D 74 -17.25 -5.72 -14.45
C PRO D 74 -18.52 -6.54 -14.60
N ASN D 75 -18.47 -7.74 -14.00
CA ASN D 75 -19.61 -8.63 -13.90
C ASN D 75 -20.15 -8.99 -15.29
N THR D 76 -19.26 -9.04 -16.29
CA THR D 76 -19.65 -9.36 -17.66
C THR D 76 -19.44 -10.84 -17.99
N ILE D 77 -20.17 -11.27 -19.03
CA ILE D 77 -19.98 -12.61 -19.61
C ILE D 77 -19.74 -12.44 -21.10
N LEU D 78 -18.58 -12.93 -21.57
CA LEU D 78 -18.29 -13.00 -23.00
C LEU D 78 -18.19 -14.50 -23.36
N ASP D 79 -19.31 -15.07 -23.78
CA ASP D 79 -19.38 -16.50 -24.04
C ASP D 79 -19.19 -16.78 -25.54
N GLY D 80 -18.04 -17.37 -25.86
CA GLY D 80 -17.77 -17.79 -27.23
C GLY D 80 -17.75 -19.30 -27.40
N SER D 81 -18.33 -20.02 -26.45
CA SER D 81 -18.21 -21.47 -26.40
C SER D 81 -18.94 -22.15 -27.56
N GLY D 82 -19.91 -21.45 -28.16
CA GLY D 82 -20.82 -22.08 -29.11
C GLY D 82 -20.59 -21.55 -30.51
N GLY D 83 -19.32 -21.53 -30.92
CA GLY D 83 -18.97 -21.20 -32.28
C GLY D 83 -18.24 -19.89 -32.39
N GLY D 84 -17.88 -19.28 -31.27
CA GLY D 84 -17.01 -18.13 -31.31
C GLY D 84 -17.79 -16.82 -31.19
N LEU D 85 -17.16 -15.85 -30.52
CA LEU D 85 -17.74 -14.53 -30.34
C LEU D 85 -16.70 -13.55 -30.82
N ILE D 86 -17.11 -12.60 -31.66
CA ILE D 86 -16.18 -11.60 -32.13
C ILE D 86 -16.74 -10.24 -31.79
N ILE D 87 -15.88 -9.37 -31.27
CA ILE D 87 -16.25 -8.04 -30.88
C ILE D 87 -15.26 -7.10 -31.53
N GLY D 88 -15.74 -5.97 -32.02
CA GLY D 88 -14.89 -5.01 -32.70
C GLY D 88 -14.05 -4.15 -31.75
N SER D 89 -13.62 -3.02 -32.32
CA SER D 89 -12.81 -2.00 -31.67
C SER D 89 -13.68 -0.84 -31.19
N ASN D 90 -13.16 -0.13 -30.18
CA ASN D 90 -13.76 1.02 -29.50
C ASN D 90 -15.15 0.73 -28.93
N CYS D 91 -15.43 -0.52 -28.53
CA CYS D 91 -16.76 -0.82 -27.99
C CYS D 91 -16.78 -0.60 -26.48
N SER D 92 -17.93 -0.13 -25.99
CA SER D 92 -18.26 -0.12 -24.57
C SER D 92 -19.08 -1.35 -24.24
N ILE D 93 -18.50 -2.30 -23.51
CA ILE D 93 -19.22 -3.44 -23.01
C ILE D 93 -19.48 -3.18 -21.53
N SER D 94 -20.64 -2.57 -21.26
CA SER D 94 -20.99 -2.05 -19.94
C SER D 94 -21.01 -3.14 -18.85
N ALA D 95 -20.93 -2.71 -17.60
CA ALA D 95 -21.11 -3.60 -16.45
C ALA D 95 -22.37 -4.44 -16.62
N GLY D 96 -22.22 -5.75 -16.35
CA GLY D 96 -23.33 -6.66 -16.33
C GLY D 96 -23.77 -7.16 -17.71
N VAL D 97 -23.14 -6.67 -18.79
CA VAL D 97 -23.53 -7.19 -20.10
C VAL D 97 -23.13 -8.66 -20.19
N GLN D 98 -24.06 -9.46 -20.74
CA GLN D 98 -23.88 -10.89 -20.95
C GLN D 98 -24.13 -11.17 -22.43
N ILE D 99 -23.11 -11.76 -23.10
CA ILE D 99 -23.13 -12.07 -24.52
C ILE D 99 -22.92 -13.57 -24.71
N TYR D 100 -23.92 -14.25 -25.29
CA TYR D 100 -23.95 -15.70 -25.36
C TYR D 100 -23.83 -16.24 -26.79
N THR D 101 -23.27 -17.46 -26.88
CA THR D 101 -23.28 -18.26 -28.10
C THR D 101 -23.88 -19.62 -27.83
N HIS D 102 -24.51 -19.83 -26.66
CA HIS D 102 -25.19 -21.07 -26.37
C HIS D 102 -26.31 -20.80 -25.39
N ASP D 103 -27.18 -21.80 -25.23
CA ASP D 103 -28.04 -21.86 -24.06
C ASP D 103 -28.35 -23.31 -23.74
N THR D 104 -28.91 -23.51 -22.54
CA THR D 104 -29.14 -24.83 -21.98
C THR D 104 -30.63 -25.03 -21.70
N VAL D 105 -31.49 -24.30 -22.40
CA VAL D 105 -32.92 -24.41 -22.10
C VAL D 105 -33.37 -25.86 -22.30
N ARG D 106 -33.06 -26.45 -23.47
CA ARG D 106 -33.57 -27.78 -23.79
C ARG D 106 -32.93 -28.83 -22.88
N LYS D 107 -31.63 -28.68 -22.58
CA LYS D 107 -30.95 -29.64 -21.73
C LYS D 107 -31.68 -29.74 -20.38
N SER D 108 -32.08 -28.59 -19.82
CA SER D 108 -32.75 -28.56 -18.53
C SER D 108 -34.19 -29.04 -18.63
N LEU D 109 -34.93 -28.55 -19.63
CA LEU D 109 -36.36 -28.79 -19.70
C LEU D 109 -36.63 -30.26 -20.01
N SER D 110 -35.65 -30.93 -20.62
CA SER D 110 -35.74 -32.34 -21.00
C SER D 110 -35.19 -33.24 -19.89
N GLY D 111 -34.98 -32.67 -18.70
CA GLY D 111 -34.42 -33.42 -17.60
C GLY D 111 -32.99 -33.90 -17.85
N GLY D 112 -32.26 -33.24 -18.75
CA GLY D 112 -30.84 -33.49 -18.92
C GLY D 112 -30.50 -34.18 -20.24
N LYS D 113 -31.52 -34.62 -20.99
CA LYS D 113 -31.29 -35.41 -22.20
C LYS D 113 -30.68 -34.57 -23.32
N ALA D 114 -31.38 -33.50 -23.72
CA ALA D 114 -31.08 -32.74 -24.91
C ALA D 114 -29.68 -32.13 -24.85
N ASP D 115 -29.08 -31.94 -26.02
CA ASP D 115 -27.81 -31.24 -26.17
C ASP D 115 -27.96 -29.75 -25.89
N ILE D 116 -26.83 -29.11 -25.54
CA ILE D 116 -26.70 -27.67 -25.54
C ILE D 116 -26.89 -27.15 -26.97
N ASP D 117 -27.60 -26.01 -27.13
CA ASP D 117 -27.80 -25.38 -28.43
C ASP D 117 -26.83 -24.21 -28.58
N LYS D 118 -26.29 -24.06 -29.80
CA LYS D 118 -25.14 -23.20 -30.01
C LYS D 118 -25.31 -22.42 -31.30
N ALA D 119 -24.68 -21.26 -31.35
CA ALA D 119 -24.67 -20.43 -32.53
C ALA D 119 -23.78 -19.23 -32.28
N SER D 120 -22.95 -18.86 -33.26
CA SER D 120 -21.93 -17.84 -33.07
C SER D 120 -22.57 -16.47 -33.02
N THR D 121 -21.83 -15.51 -32.47
CA THR D 121 -22.35 -14.18 -32.24
C THR D 121 -21.28 -13.16 -32.61
N ARG D 122 -21.70 -12.02 -33.12
CA ARG D 122 -20.75 -11.05 -33.60
C ARG D 122 -21.21 -9.65 -33.26
N ILE D 123 -20.26 -8.80 -32.88
CA ILE D 123 -20.54 -7.40 -32.61
C ILE D 123 -19.51 -6.56 -33.33
N GLY D 124 -19.99 -5.54 -34.05
CA GLY D 124 -19.12 -4.71 -34.88
C GLY D 124 -18.27 -3.79 -34.03
N SER D 125 -17.66 -2.80 -34.68
CA SER D 125 -16.88 -1.78 -34.00
C SER D 125 -17.74 -0.57 -33.67
N ASP D 126 -17.26 0.25 -32.74
CA ASP D 126 -17.87 1.51 -32.35
C ASP D 126 -19.28 1.31 -31.80
N CYS D 127 -19.51 0.22 -31.06
CA CYS D 127 -20.81 -0.06 -30.49
C CYS D 127 -20.81 0.26 -29.00
N TYR D 128 -21.99 0.62 -28.48
CA TYR D 128 -22.22 0.82 -27.05
C TYR D 128 -23.25 -0.19 -26.60
N LEU D 129 -22.90 -1.06 -25.62
CA LEU D 129 -23.88 -1.99 -25.03
C LEU D 129 -24.10 -1.52 -23.60
N GLY D 130 -25.31 -1.04 -23.34
CA GLY D 130 -25.64 -0.42 -22.06
C GLY D 130 -25.67 -1.47 -20.94
N PRO D 131 -25.60 -1.00 -19.69
CA PRO D 131 -25.67 -1.87 -18.51
C PRO D 131 -26.71 -2.97 -18.63
N ASN D 132 -26.28 -4.19 -18.31
CA ASN D 132 -27.14 -5.36 -18.15
C ASN D 132 -27.83 -5.73 -19.46
N THR D 133 -27.29 -5.28 -20.60
CA THR D 133 -27.72 -5.83 -21.88
C THR D 133 -27.42 -7.33 -21.97
N ILE D 134 -28.40 -8.12 -22.46
CA ILE D 134 -28.24 -9.53 -22.74
C ILE D 134 -28.32 -9.75 -24.26
N ILE D 135 -27.27 -10.36 -24.85
CA ILE D 135 -27.23 -10.77 -26.24
C ILE D 135 -27.26 -12.30 -26.33
N VAL D 136 -28.27 -12.85 -27.01
CA VAL D 136 -28.44 -14.29 -27.12
C VAL D 136 -27.66 -14.82 -28.32
N LYS D 137 -27.53 -16.14 -28.38
CA LYS D 137 -26.72 -16.79 -29.42
C LYS D 137 -27.29 -16.49 -30.79
N GLY D 138 -26.41 -16.41 -31.79
CA GLY D 138 -26.82 -16.30 -33.18
C GLY D 138 -26.88 -14.85 -33.63
N VAL D 139 -26.66 -13.89 -32.71
CA VAL D 139 -26.97 -12.53 -33.04
C VAL D 139 -25.77 -11.87 -33.70
N LYS D 140 -26.07 -11.07 -34.73
CA LYS D 140 -25.09 -10.26 -35.41
C LYS D 140 -25.47 -8.80 -35.19
N ILE D 141 -24.55 -8.04 -34.60
CA ILE D 141 -24.76 -6.63 -34.39
C ILE D 141 -23.78 -5.89 -35.28
N GLY D 142 -24.29 -4.90 -36.01
CA GLY D 142 -23.48 -4.16 -36.97
C GLY D 142 -22.45 -3.30 -36.27
N ASP D 143 -21.95 -2.29 -37.00
CA ASP D 143 -21.09 -1.26 -36.45
C ASP D 143 -21.94 -0.05 -36.03
N ARG D 144 -21.41 0.72 -35.08
CA ARG D 144 -21.98 2.00 -34.67
C ARG D 144 -23.44 1.79 -34.21
N VAL D 145 -23.65 0.73 -33.40
CA VAL D 145 -24.93 0.43 -32.79
C VAL D 145 -24.94 0.89 -31.33
N VAL D 146 -26.11 1.40 -30.91
CA VAL D 146 -26.42 1.67 -29.51
C VAL D 146 -27.48 0.69 -29.01
N VAL D 147 -27.10 -0.10 -27.99
CA VAL D 147 -28.05 -0.93 -27.27
C VAL D 147 -28.28 -0.31 -25.89
N GLY D 148 -29.52 0.12 -25.64
CA GLY D 148 -29.85 0.74 -24.37
C GLY D 148 -29.72 -0.24 -23.21
N ALA D 149 -29.53 0.32 -22.02
CA ALA D 149 -29.50 -0.46 -20.79
C ALA D 149 -30.76 -1.31 -20.67
N ASN D 150 -30.55 -2.52 -20.15
CA ASN D 150 -31.59 -3.46 -19.76
C ASN D 150 -32.20 -4.19 -20.95
N SER D 151 -31.62 -4.04 -22.14
CA SER D 151 -32.18 -4.68 -23.31
C SER D 151 -31.91 -6.18 -23.35
N LEU D 152 -32.75 -6.86 -24.14
CA LEU D 152 -32.57 -8.26 -24.50
C LEU D 152 -32.62 -8.34 -26.02
N VAL D 153 -31.44 -8.54 -26.65
CA VAL D 153 -31.32 -8.60 -28.10
C VAL D 153 -31.47 -10.03 -28.59
N LEU D 154 -32.53 -10.26 -29.37
CA LEU D 154 -32.90 -11.59 -29.84
C LEU D 154 -32.58 -11.73 -31.33
N LYS D 155 -32.39 -10.61 -32.04
CA LYS D 155 -32.26 -10.65 -33.47
C LYS D 155 -31.15 -9.70 -33.90
N ASP D 156 -30.65 -9.97 -35.11
CA ASP D 156 -29.64 -9.14 -35.76
C ASP D 156 -30.03 -7.68 -35.70
N ILE D 157 -29.02 -6.82 -35.59
CA ILE D 157 -29.19 -5.39 -35.57
C ILE D 157 -28.33 -4.78 -36.67
N PRO D 158 -28.90 -3.98 -37.60
CA PRO D 158 -28.12 -3.26 -38.61
C PRO D 158 -27.25 -2.12 -38.06
N SER D 159 -26.17 -1.85 -38.78
CA SER D 159 -25.31 -0.72 -38.50
C SER D 159 -26.11 0.57 -38.36
N ASP D 160 -25.59 1.48 -37.54
CA ASP D 160 -26.14 2.80 -37.30
C ASP D 160 -27.52 2.81 -36.65
N CYS D 161 -27.91 1.73 -35.93
CA CYS D 161 -29.20 1.67 -35.28
C CYS D 161 -29.08 1.90 -33.77
N LYS D 162 -30.13 2.48 -33.17
CA LYS D 162 -30.31 2.47 -31.73
C LYS D 162 -31.48 1.56 -31.36
N VAL D 163 -31.21 0.61 -30.44
CA VAL D 163 -32.25 -0.29 -30.02
C VAL D 163 -32.46 -0.19 -28.52
N PHE D 164 -33.63 -0.69 -28.11
CA PHE D 164 -34.07 -0.63 -26.72
C PHE D 164 -35.19 -1.65 -26.48
N GLY D 165 -35.11 -2.31 -25.32
CA GLY D 165 -36.22 -3.08 -24.76
C GLY D 165 -35.89 -4.55 -24.52
N SER D 166 -36.79 -5.21 -23.81
CA SER D 166 -36.81 -6.65 -23.69
C SER D 166 -38.13 -7.19 -24.24
N PRO D 167 -38.18 -7.75 -25.46
CA PRO D 167 -37.04 -7.81 -26.39
C PRO D 167 -36.77 -6.48 -27.09
N ALA D 168 -35.57 -6.33 -27.62
CA ALA D 168 -35.14 -5.02 -28.07
C ALA D 168 -35.79 -4.75 -29.43
N VAL D 169 -36.09 -3.47 -29.69
CA VAL D 169 -36.62 -3.08 -30.98
C VAL D 169 -35.82 -1.85 -31.44
N ILE D 170 -35.77 -1.63 -32.76
CA ILE D 170 -35.14 -0.43 -33.30
C ILE D 170 -35.99 0.79 -32.94
N ILE D 171 -35.34 1.81 -32.40
CA ILE D 171 -36.00 2.99 -31.88
C ILE D 171 -35.73 4.13 -32.85
N THR D 172 -34.45 4.32 -33.21
CA THR D 172 -34.05 5.29 -34.20
C THR D 172 -32.68 4.87 -34.74
N ASP D 173 -32.03 5.80 -35.46
CA ASP D 173 -30.65 5.64 -35.89
C ASP D 173 -29.75 6.23 -34.80
N SER D 174 -28.47 5.83 -34.84
CA SER D 174 -27.49 6.26 -33.85
C SER D 174 -26.62 7.41 -34.35
N LEU D 175 -27.06 8.12 -35.40
CA LEU D 175 -26.15 8.99 -36.15
C LEU D 175 -25.79 10.22 -35.31
N ASN D 176 -26.72 10.68 -34.47
CA ASN D 176 -26.49 11.78 -33.54
C ASN D 176 -25.32 11.53 -32.57
N TYR D 177 -25.09 10.26 -32.20
CA TYR D 177 -24.04 9.94 -31.24
C TYR D 177 -22.67 9.88 -31.91
N GLN D 178 -22.66 9.58 -33.22
CA GLN D 178 -21.42 9.40 -33.98
C GLN D 178 -20.71 10.74 -34.16
N ARG D 179 -21.43 11.85 -33.96
CA ARG D 179 -20.86 13.18 -33.93
C ARG D 179 -19.84 13.29 -32.78
N GLY E 2 5.66 -23.89 -6.96
CA GLY E 2 6.62 -23.95 -5.84
C GLY E 2 6.11 -23.11 -4.67
N GLY E 3 6.61 -21.86 -4.60
CA GLY E 3 5.96 -20.84 -3.78
C GLY E 3 4.49 -20.73 -4.17
N HIS E 4 4.23 -20.76 -5.49
CA HIS E 4 2.94 -20.51 -6.07
C HIS E 4 1.97 -21.65 -5.76
N MET E 5 2.45 -22.91 -5.79
CA MET E 5 1.58 -24.06 -5.58
C MET E 5 1.21 -24.19 -4.11
N ILE E 6 2.12 -23.74 -3.24
CA ILE E 6 1.87 -23.72 -1.81
C ILE E 6 0.84 -22.63 -1.49
N LEU E 7 1.00 -21.44 -2.05
CA LEU E 7 0.00 -20.38 -1.87
C LEU E 7 -1.37 -20.85 -2.37
N LEU E 8 -1.44 -21.50 -3.53
CA LEU E 8 -2.72 -21.99 -4.01
C LEU E 8 -3.34 -22.92 -2.98
N LYS E 9 -2.55 -23.86 -2.45
CA LYS E 9 -3.04 -24.88 -1.54
C LYS E 9 -3.54 -24.22 -0.26
N GLU E 10 -2.78 -23.23 0.23
CA GLU E 10 -3.15 -22.52 1.44
C GLU E 10 -4.43 -21.69 1.23
N LEU E 11 -4.60 -21.04 0.07
CA LEU E 11 -5.81 -20.28 -0.22
C LEU E 11 -7.02 -21.22 -0.26
N LYS E 12 -6.88 -22.43 -0.86
CA LYS E 12 -7.96 -23.41 -0.87
C LYS E 12 -8.35 -23.84 0.55
N GLU E 13 -7.35 -24.07 1.40
CA GLU E 13 -7.59 -24.40 2.78
C GLU E 13 -8.23 -23.23 3.53
N LEU E 14 -7.80 -21.99 3.28
CA LEU E 14 -8.43 -20.84 3.91
C LEU E 14 -9.87 -20.74 3.45
N PHE E 15 -10.14 -20.98 2.17
CA PHE E 15 -11.51 -20.89 1.67
C PHE E 15 -12.42 -21.88 2.43
N PHE E 16 -11.94 -23.13 2.55
CA PHE E 16 -12.67 -24.16 3.29
C PHE E 16 -12.97 -23.71 4.72
N LEU E 17 -11.96 -23.17 5.42
CA LEU E 17 -12.16 -22.80 6.81
C LEU E 17 -13.09 -21.59 6.91
N ARG E 18 -12.88 -20.58 6.05
CA ARG E 18 -13.75 -19.41 6.06
C ARG E 18 -15.20 -19.81 5.73
N THR E 19 -15.40 -20.69 4.75
CA THR E 19 -16.74 -21.08 4.41
C THR E 19 -17.36 -21.77 5.64
N THR E 20 -16.57 -22.63 6.28
CA THR E 20 -17.04 -23.37 7.45
C THR E 20 -17.47 -22.42 8.56
N TYR E 21 -16.60 -21.42 8.83
CA TYR E 21 -16.87 -20.38 9.80
C TYR E 21 -18.17 -19.63 9.48
N TYR E 22 -18.35 -19.23 8.22
CA TYR E 22 -19.51 -18.43 7.83
C TYR E 22 -20.80 -19.25 7.95
N LEU E 23 -20.75 -20.52 7.54
CA LEU E 23 -21.91 -21.41 7.69
C LEU E 23 -22.28 -21.56 9.17
N LYS E 24 -21.29 -21.75 10.07
CA LYS E 24 -21.57 -22.01 11.48
C LYS E 24 -22.07 -20.73 12.19
N LYS E 25 -21.38 -19.62 11.97
CA LYS E 25 -21.65 -18.40 12.70
C LYS E 25 -22.74 -17.54 12.05
N TYR E 26 -22.82 -17.51 10.72
CA TYR E 26 -23.67 -16.54 10.05
C TYR E 26 -24.69 -17.20 9.12
N ASN E 27 -24.76 -18.53 9.13
CA ASN E 27 -25.71 -19.30 8.33
C ASN E 27 -25.69 -18.82 6.85
N ARG E 28 -24.50 -18.68 6.27
CA ARG E 28 -24.37 -18.33 4.86
C ARG E 28 -23.03 -18.74 4.27
N SER E 29 -22.98 -18.71 2.92
CA SER E 29 -21.79 -18.98 2.14
C SER E 29 -21.59 -17.80 1.17
N LEU E 30 -20.42 -17.16 1.26
CA LEU E 30 -20.15 -16.00 0.44
C LEU E 30 -19.01 -16.30 -0.51
N PRO E 31 -18.83 -15.42 -1.52
CA PRO E 31 -17.60 -15.39 -2.30
C PRO E 31 -16.39 -15.19 -1.38
N PHE E 32 -15.27 -15.75 -1.82
CA PHE E 32 -14.03 -15.73 -1.05
C PHE E 32 -13.69 -14.30 -0.66
N GLY E 33 -13.86 -13.37 -1.60
CA GLY E 33 -13.54 -11.98 -1.33
C GLY E 33 -14.39 -11.39 -0.21
N ASP E 34 -15.61 -11.91 -0.02
CA ASP E 34 -16.53 -11.38 0.99
C ASP E 34 -16.32 -12.05 2.35
N MET E 35 -15.35 -12.97 2.44
CA MET E 35 -15.04 -13.61 3.72
C MET E 35 -13.68 -13.17 4.23
N ILE E 36 -13.07 -12.22 3.52
CA ILE E 36 -11.88 -11.51 3.93
C ILE E 36 -12.29 -10.10 4.30
N VAL E 37 -13.08 -9.45 3.41
CA VAL E 37 -13.48 -8.07 3.58
C VAL E 37 -14.74 -8.03 4.44
N ASP E 38 -14.63 -7.38 5.61
CA ASP E 38 -15.77 -7.00 6.42
C ASP E 38 -16.52 -5.82 5.79
N ARG E 39 -17.84 -5.94 5.68
CA ARG E 39 -18.63 -4.96 4.94
C ARG E 39 -18.69 -3.61 5.65
N TRP E 40 -18.67 -3.65 6.98
CA TRP E 40 -18.74 -2.45 7.80
C TRP E 40 -17.40 -1.75 7.85
N ASP E 41 -16.31 -2.51 7.98
CA ASP E 41 -14.96 -1.94 7.94
C ASP E 41 -14.70 -1.33 6.56
N LYS E 42 -15.17 -2.00 5.49
CA LYS E 42 -15.02 -1.47 4.14
C LYS E 42 -15.72 -0.11 4.05
N ALA E 43 -16.98 -0.06 4.50
CA ALA E 43 -17.72 1.18 4.47
C ALA E 43 -16.98 2.29 5.23
N LYS E 44 -16.43 1.96 6.39
CA LYS E 44 -15.74 2.96 7.19
C LYS E 44 -14.50 3.49 6.45
N LEU E 45 -13.80 2.60 5.76
CA LEU E 45 -12.60 2.97 5.01
C LEU E 45 -12.92 3.93 3.86
N LEU E 46 -14.12 3.78 3.24
CA LEU E 46 -14.55 4.65 2.13
C LEU E 46 -15.20 5.94 2.63
N GLY E 47 -15.34 6.10 3.94
CA GLY E 47 -15.79 7.37 4.51
C GLY E 47 -17.30 7.43 4.71
N PHE E 48 -18.00 6.30 4.59
CA PHE E 48 -19.45 6.26 4.65
C PHE E 48 -19.90 6.40 6.11
N GLY E 49 -21.15 6.85 6.28
CA GLY E 49 -21.73 7.03 7.60
C GLY E 49 -21.77 5.74 8.41
N GLU E 50 -21.89 5.87 9.75
CA GLU E 50 -21.82 4.70 10.60
C GLU E 50 -23.04 3.84 10.34
N GLY E 51 -22.86 2.53 10.54
CA GLY E 51 -23.90 1.55 10.32
C GLY E 51 -23.99 1.11 8.85
N THR E 52 -23.35 1.84 7.94
CA THR E 52 -23.38 1.50 6.52
C THR E 52 -22.48 0.31 6.22
N SER E 53 -22.89 -0.50 5.25
CA SER E 53 -22.14 -1.71 4.91
C SER E 53 -22.04 -1.81 3.38
N ILE E 54 -20.94 -2.39 2.90
CA ILE E 54 -20.73 -2.52 1.48
C ILE E 54 -19.95 -3.81 1.20
N TYR E 55 -20.48 -4.61 0.27
CA TYR E 55 -19.84 -5.87 -0.09
C TYR E 55 -18.53 -5.63 -0.83
N ASP E 56 -17.68 -6.66 -0.81
CA ASP E 56 -16.43 -6.64 -1.56
C ASP E 56 -16.66 -6.40 -3.04
N SER E 57 -17.70 -7.04 -3.58
CA SER E 57 -17.98 -7.04 -5.03
C SER E 57 -18.42 -5.69 -5.59
N SER E 58 -18.60 -4.67 -4.75
CA SER E 58 -19.00 -3.35 -5.20
C SER E 58 -17.82 -2.56 -5.78
N ILE E 59 -18.12 -1.69 -6.74
CA ILE E 59 -17.19 -0.76 -7.30
C ILE E 59 -17.64 0.65 -6.97
N VAL E 60 -16.71 1.43 -6.39
CA VAL E 60 -16.99 2.80 -6.00
C VAL E 60 -15.98 3.73 -6.67
N LEU E 61 -16.46 4.57 -7.59
CA LEU E 61 -15.56 5.44 -8.34
C LEU E 61 -15.76 6.89 -7.90
N GLY E 62 -14.65 7.60 -7.67
CA GLY E 62 -14.72 9.05 -7.55
C GLY E 62 -15.33 9.47 -6.22
N GLU E 63 -15.97 10.62 -6.22
CA GLU E 63 -16.53 11.13 -4.98
C GLU E 63 -17.93 10.54 -4.76
N VAL E 64 -18.04 9.74 -3.68
CA VAL E 64 -19.28 9.08 -3.31
C VAL E 64 -19.47 9.27 -1.82
N LYS E 65 -20.60 9.86 -1.45
CA LYS E 65 -20.92 10.10 -0.06
C LYS E 65 -22.16 9.30 0.26
N VAL E 66 -22.10 8.57 1.35
CA VAL E 66 -23.21 7.74 1.76
C VAL E 66 -23.52 8.04 3.22
N GLY E 67 -24.80 8.18 3.55
CA GLY E 67 -25.25 8.45 4.91
C GLY E 67 -25.15 7.25 5.84
N LYS E 68 -25.81 7.34 6.99
CA LYS E 68 -25.84 6.27 7.98
C LYS E 68 -26.84 5.18 7.64
N ASP E 69 -26.52 3.97 8.11
CA ASP E 69 -27.33 2.75 8.07
C ASP E 69 -27.83 2.41 6.66
N THR E 70 -27.03 2.74 5.64
CA THR E 70 -27.32 2.34 4.26
C THR E 70 -26.63 1.01 3.95
N TRP E 71 -27.39 0.09 3.33
CA TRP E 71 -26.90 -1.23 2.94
C TRP E 71 -26.57 -1.21 1.44
N ILE E 72 -25.29 -1.45 1.09
CA ILE E 72 -24.86 -1.45 -0.31
C ILE E 72 -24.59 -2.90 -0.69
N GLY E 73 -25.38 -3.39 -1.63
CA GLY E 73 -25.42 -4.79 -1.94
C GLY E 73 -24.26 -5.26 -2.81
N PRO E 74 -24.20 -6.58 -3.05
CA PRO E 74 -23.19 -7.18 -3.92
C PRO E 74 -23.42 -6.79 -5.38
N ASN E 75 -22.30 -6.81 -6.11
CA ASN E 75 -22.29 -6.64 -7.54
C ASN E 75 -22.86 -5.26 -7.94
N THR E 76 -22.59 -4.25 -7.12
CA THR E 76 -23.16 -2.93 -7.32
C THR E 76 -22.09 -2.01 -7.89
N ILE E 77 -22.56 -0.94 -8.52
CA ILE E 77 -21.69 0.13 -9.01
C ILE E 77 -22.18 1.47 -8.44
N LEU E 78 -21.29 2.15 -7.69
CA LEU E 78 -21.52 3.52 -7.20
C LEU E 78 -20.52 4.46 -7.91
N ASP E 79 -20.94 5.00 -9.05
CA ASP E 79 -20.09 5.79 -9.92
C ASP E 79 -20.27 7.29 -9.65
N GLY E 80 -19.32 7.83 -8.88
CA GLY E 80 -19.31 9.26 -8.60
C GLY E 80 -18.28 10.04 -9.41
N SER E 81 -17.82 9.48 -10.53
CA SER E 81 -16.68 10.01 -11.27
C SER E 81 -17.02 11.26 -12.07
N GLY E 82 -18.31 11.57 -12.25
CA GLY E 82 -18.73 12.65 -13.13
C GLY E 82 -19.42 13.78 -12.37
N GLY E 83 -18.77 14.28 -11.31
CA GLY E 83 -19.30 15.40 -10.53
C GLY E 83 -19.88 14.97 -9.20
N GLY E 84 -19.70 13.69 -8.85
CA GLY E 84 -20.05 13.23 -7.52
C GLY E 84 -21.41 12.52 -7.45
N LEU E 85 -21.48 11.57 -6.52
CA LEU E 85 -22.69 10.82 -6.23
C LEU E 85 -22.92 10.94 -4.75
N ILE E 86 -24.14 11.33 -4.38
CA ILE E 86 -24.55 11.41 -3.00
C ILE E 86 -25.76 10.53 -2.71
N ILE E 87 -25.67 9.76 -1.62
CA ILE E 87 -26.71 8.84 -1.20
C ILE E 87 -26.99 9.10 0.26
N GLY E 88 -28.28 9.04 0.63
CA GLY E 88 -28.71 9.34 2.00
C GLY E 88 -28.58 8.16 2.95
N SER E 89 -29.35 8.23 4.04
CA SER E 89 -29.33 7.25 5.11
C SER E 89 -30.49 6.28 4.94
N ASN E 90 -30.33 5.12 5.58
CA ASN E 90 -31.33 4.06 5.60
C ASN E 90 -31.76 3.66 4.19
N CYS E 91 -30.87 3.72 3.20
CA CYS E 91 -31.23 3.24 1.87
C CYS E 91 -30.91 1.76 1.71
N SER E 92 -31.72 1.06 0.90
CA SER E 92 -31.41 -0.28 0.43
C SER E 92 -30.92 -0.17 -1.01
N ILE E 93 -29.62 -0.40 -1.23
CA ILE E 93 -29.06 -0.40 -2.57
C ILE E 93 -28.84 -1.87 -2.94
N SER E 94 -29.84 -2.45 -3.61
CA SER E 94 -29.97 -3.88 -3.77
C SER E 94 -28.84 -4.43 -4.64
N ALA E 95 -28.71 -5.77 -4.62
CA ALA E 95 -27.80 -6.49 -5.47
C ALA E 95 -28.01 -6.04 -6.91
N GLY E 96 -26.87 -5.76 -7.56
CA GLY E 96 -26.84 -5.46 -8.98
C GLY E 96 -27.21 -4.03 -9.35
N VAL E 97 -27.57 -3.20 -8.38
CA VAL E 97 -27.88 -1.82 -8.68
C VAL E 97 -26.62 -1.13 -9.21
N GLN E 98 -26.79 -0.32 -10.27
CA GLN E 98 -25.71 0.46 -10.87
C GLN E 98 -26.17 1.91 -10.99
N ILE E 99 -25.36 2.82 -10.42
CA ILE E 99 -25.67 4.23 -10.32
C ILE E 99 -24.53 5.01 -10.98
N TYR E 100 -24.85 5.84 -11.96
CA TYR E 100 -23.85 6.44 -12.80
C TYR E 100 -23.87 7.96 -12.72
N THR E 101 -22.70 8.55 -13.00
CA THR E 101 -22.55 9.98 -13.23
C THR E 101 -21.78 10.23 -14.54
N HIS E 102 -21.69 9.21 -15.41
CA HIS E 102 -21.05 9.34 -16.71
C HIS E 102 -21.59 8.27 -17.66
N ASP E 103 -21.38 8.49 -18.95
CA ASP E 103 -21.51 7.40 -19.91
C ASP E 103 -20.54 7.66 -21.05
N THR E 104 -20.28 6.59 -21.83
CA THR E 104 -19.28 6.57 -22.87
C THR E 104 -19.92 6.30 -24.23
N VAL E 105 -21.22 6.58 -24.35
CA VAL E 105 -21.95 6.33 -25.58
C VAL E 105 -21.28 7.09 -26.74
N ARG E 106 -21.07 8.40 -26.59
CA ARG E 106 -20.55 9.16 -27.73
C ARG E 106 -19.09 8.75 -28.01
N LYS E 107 -18.32 8.45 -26.94
CA LYS E 107 -16.94 8.03 -27.08
C LYS E 107 -16.84 6.81 -27.98
N SER E 108 -17.65 5.79 -27.69
CA SER E 108 -17.71 4.61 -28.54
C SER E 108 -18.19 4.94 -29.94
N LEU E 109 -19.34 5.63 -30.03
CA LEU E 109 -20.05 5.72 -31.29
C LEU E 109 -19.26 6.57 -32.28
N SER E 110 -18.43 7.49 -31.76
CA SER E 110 -17.59 8.36 -32.56
C SER E 110 -16.24 7.70 -32.88
N GLY E 111 -16.09 6.43 -32.50
CA GLY E 111 -14.88 5.69 -32.81
C GLY E 111 -13.68 6.19 -32.01
N GLY E 112 -13.95 6.76 -30.83
CA GLY E 112 -12.91 7.00 -29.84
C GLY E 112 -12.63 8.48 -29.61
N LYS E 113 -13.41 9.35 -30.26
CA LYS E 113 -13.03 10.75 -30.42
C LYS E 113 -13.84 11.61 -29.47
N ALA E 114 -15.14 11.33 -29.35
CA ALA E 114 -15.97 12.13 -28.46
C ALA E 114 -15.49 11.94 -27.02
N ASP E 115 -15.72 12.99 -26.22
CA ASP E 115 -15.43 12.94 -24.80
C ASP E 115 -16.48 12.12 -24.06
N ILE E 116 -16.12 11.79 -22.81
CA ILE E 116 -17.02 11.17 -21.86
C ILE E 116 -18.01 12.23 -21.37
N ASP E 117 -19.29 11.87 -21.36
CA ASP E 117 -20.32 12.78 -20.91
C ASP E 117 -20.56 12.55 -19.42
N LYS E 118 -20.65 13.64 -18.65
CA LYS E 118 -20.72 13.57 -17.19
C LYS E 118 -21.90 14.37 -16.66
N ALA E 119 -22.45 13.93 -15.51
CA ALA E 119 -23.38 14.74 -14.73
C ALA E 119 -23.63 14.10 -13.38
N SER E 120 -23.80 14.95 -12.36
CA SER E 120 -23.84 14.46 -10.99
C SER E 120 -25.16 13.77 -10.73
N THR E 121 -25.17 12.90 -9.71
CA THR E 121 -26.35 12.12 -9.40
C THR E 121 -26.54 12.18 -7.90
N ARG E 122 -27.81 12.15 -7.48
CA ARG E 122 -28.14 12.22 -6.08
C ARG E 122 -29.36 11.35 -5.77
N ILE E 123 -29.27 10.72 -4.59
CA ILE E 123 -30.33 9.92 -4.01
C ILE E 123 -30.56 10.33 -2.56
N GLY E 124 -31.85 10.47 -2.20
CA GLY E 124 -32.25 10.85 -0.85
C GLY E 124 -32.13 9.78 0.21
N SER E 125 -32.75 10.04 1.38
CA SER E 125 -32.79 9.10 2.47
C SER E 125 -34.05 8.25 2.37
N ASP E 126 -34.01 7.10 3.06
CA ASP E 126 -35.11 6.16 3.22
C ASP E 126 -35.64 5.61 1.89
N CYS E 127 -34.73 5.39 0.94
CA CYS E 127 -35.06 4.95 -0.40
C CYS E 127 -34.78 3.46 -0.55
N TYR E 128 -35.54 2.80 -1.45
CA TYR E 128 -35.28 1.41 -1.79
C TYR E 128 -35.04 1.37 -3.29
N LEU E 129 -33.87 0.85 -3.68
CA LEU E 129 -33.57 0.56 -5.08
C LEU E 129 -33.54 -0.97 -5.21
N GLY E 130 -34.50 -1.47 -5.98
CA GLY E 130 -34.66 -2.90 -6.11
C GLY E 130 -33.56 -3.49 -6.99
N PRO E 131 -33.43 -4.82 -6.92
CA PRO E 131 -32.41 -5.54 -7.69
C PRO E 131 -32.27 -5.10 -9.14
N ASN E 132 -31.02 -4.87 -9.56
CA ASN E 132 -30.70 -4.59 -10.96
C ASN E 132 -31.31 -3.27 -11.47
N THR E 133 -31.70 -2.36 -10.57
CA THR E 133 -32.02 -1.00 -10.99
C THR E 133 -30.77 -0.33 -11.58
N ILE E 134 -30.96 0.40 -12.67
CA ILE E 134 -29.94 1.26 -13.28
C ILE E 134 -30.38 2.72 -13.17
N ILE E 135 -29.52 3.56 -12.56
CA ILE E 135 -29.72 5.00 -12.48
C ILE E 135 -28.67 5.66 -13.36
N VAL E 136 -29.12 6.47 -14.33
CA VAL E 136 -28.19 7.13 -15.23
C VAL E 136 -27.74 8.49 -14.67
N LYS E 137 -26.77 9.09 -15.37
CA LYS E 137 -26.18 10.33 -14.93
C LYS E 137 -27.23 11.42 -14.91
N GLY E 138 -27.03 12.34 -13.97
CA GLY E 138 -27.83 13.55 -13.91
C GLY E 138 -29.11 13.38 -13.12
N VAL E 139 -29.38 12.16 -12.62
CA VAL E 139 -30.65 11.91 -11.96
C VAL E 139 -30.58 12.37 -10.51
N LYS E 140 -31.69 12.98 -10.07
CA LYS E 140 -31.94 13.32 -8.68
C LYS E 140 -33.16 12.55 -8.23
N ILE E 141 -32.96 11.69 -7.23
CA ILE E 141 -34.01 10.96 -6.55
C ILE E 141 -34.20 11.57 -5.17
N GLY E 142 -35.46 11.91 -4.85
CA GLY E 142 -35.80 12.48 -3.55
C GLY E 142 -35.80 11.47 -2.41
N ASP E 143 -36.38 11.87 -1.28
CA ASP E 143 -36.49 11.03 -0.11
C ASP E 143 -37.67 10.08 -0.26
N ARG E 144 -37.57 8.93 0.39
CA ARG E 144 -38.67 8.01 0.56
C ARG E 144 -39.20 7.57 -0.81
N VAL E 145 -38.26 7.16 -1.71
CA VAL E 145 -38.64 6.69 -3.03
C VAL E 145 -38.46 5.17 -3.10
N VAL E 146 -39.41 4.49 -3.74
CA VAL E 146 -39.26 3.09 -4.11
C VAL E 146 -38.99 3.00 -5.61
N VAL E 147 -37.88 2.34 -5.97
CA VAL E 147 -37.60 1.99 -7.36
C VAL E 147 -37.68 0.48 -7.49
N GLY E 148 -38.68 0.01 -8.24
CA GLY E 148 -38.87 -1.42 -8.39
C GLY E 148 -37.67 -2.09 -9.06
N ALA E 149 -37.52 -3.39 -8.79
CA ALA E 149 -36.53 -4.23 -9.44
C ALA E 149 -36.61 -4.02 -10.95
N ASN E 150 -35.44 -4.11 -11.58
CA ASN E 150 -35.29 -4.13 -13.03
C ASN E 150 -35.54 -2.76 -13.64
N SER E 151 -35.58 -1.67 -12.88
CA SER E 151 -35.95 -0.37 -13.44
C SER E 151 -34.75 0.34 -14.06
N LEU E 152 -35.02 1.21 -15.04
CA LEU E 152 -34.06 2.11 -15.64
C LEU E 152 -34.54 3.55 -15.45
N VAL E 153 -33.90 4.27 -14.53
CA VAL E 153 -34.33 5.60 -14.14
C VAL E 153 -33.57 6.63 -14.99
N LEU E 154 -34.30 7.37 -15.84
CA LEU E 154 -33.72 8.31 -16.80
C LEU E 154 -33.92 9.77 -16.41
N LYS E 155 -34.84 10.03 -15.48
CA LYS E 155 -35.27 11.37 -15.12
C LYS E 155 -35.41 11.45 -13.60
N ASP E 156 -35.43 12.66 -13.06
CA ASP E 156 -35.54 12.89 -11.63
C ASP E 156 -36.80 12.23 -11.12
N ILE E 157 -36.76 11.79 -9.85
CA ILE E 157 -37.94 11.25 -9.20
C ILE E 157 -38.25 12.10 -7.97
N PRO E 158 -39.45 12.70 -7.87
CA PRO E 158 -39.78 13.47 -6.66
C PRO E 158 -39.84 12.57 -5.44
N SER E 159 -39.70 13.20 -4.27
CA SER E 159 -39.90 12.53 -3.01
C SER E 159 -41.28 11.86 -2.96
N ASP E 160 -41.33 10.75 -2.22
CA ASP E 160 -42.54 10.02 -1.86
C ASP E 160 -43.14 9.27 -3.05
N CYS E 161 -42.38 8.94 -4.10
CA CYS E 161 -42.93 8.26 -5.27
C CYS E 161 -42.45 6.81 -5.33
N LYS E 162 -43.32 5.94 -5.90
CA LYS E 162 -42.93 4.61 -6.30
C LYS E 162 -42.85 4.57 -7.84
N VAL E 163 -41.73 4.06 -8.38
CA VAL E 163 -41.52 4.00 -9.83
C VAL E 163 -41.21 2.56 -10.22
N PHE E 164 -41.47 2.30 -11.49
CA PHE E 164 -41.26 0.96 -12.02
C PHE E 164 -41.09 1.07 -13.53
N GLY E 165 -40.17 0.25 -14.06
CA GLY E 165 -40.10 -0.04 -15.48
C GLY E 165 -38.81 0.41 -16.15
N SER E 166 -38.67 0.00 -17.41
CA SER E 166 -37.56 0.42 -18.22
C SER E 166 -38.12 1.05 -19.50
N PRO E 167 -38.19 2.41 -19.61
CA PRO E 167 -37.75 3.32 -18.57
C PRO E 167 -38.80 3.43 -17.47
N ALA E 168 -38.36 3.90 -16.30
CA ALA E 168 -39.22 3.89 -15.14
C ALA E 168 -40.24 5.01 -15.28
N VAL E 169 -41.43 4.72 -14.79
CA VAL E 169 -42.48 5.73 -14.73
C VAL E 169 -43.04 5.74 -13.31
N ILE E 170 -43.63 6.88 -12.90
CA ILE E 170 -44.23 6.95 -11.59
C ILE E 170 -45.56 6.21 -11.62
N ILE E 171 -45.74 5.36 -10.63
CA ILE E 171 -46.82 4.39 -10.59
C ILE E 171 -47.83 4.87 -9.56
N THR E 172 -47.33 5.37 -8.42
CA THR E 172 -48.15 5.87 -7.33
C THR E 172 -47.19 6.48 -6.32
N ASP E 173 -47.71 6.91 -5.18
CA ASP E 173 -46.84 7.36 -4.10
C ASP E 173 -46.34 6.13 -3.35
N SER E 174 -45.37 6.37 -2.46
CA SER E 174 -44.77 5.28 -1.67
C SER E 174 -45.31 5.24 -0.23
N LEU E 175 -46.38 5.99 0.07
CA LEU E 175 -46.81 6.14 1.45
C LEU E 175 -47.19 4.81 2.10
N ASN E 176 -47.70 3.84 1.31
CA ASN E 176 -48.06 2.52 1.85
C ASN E 176 -46.88 1.80 2.49
N TYR E 177 -45.65 2.09 2.04
CA TYR E 177 -44.45 1.46 2.57
C TYR E 177 -43.83 2.22 3.72
N GLN E 178 -44.12 3.53 3.83
CA GLN E 178 -43.50 4.41 4.83
C GLN E 178 -44.08 4.17 6.22
N ARG E 179 -45.36 3.78 6.24
CA ARG E 179 -46.13 3.74 7.46
C ARG E 179 -47.31 2.79 7.25
N ASN E 180 -48.08 2.64 8.33
CA ASN E 180 -49.38 2.00 8.27
C ASN E 180 -50.36 3.02 7.73
N ASN E 181 -50.58 2.97 6.40
CA ASN E 181 -51.19 4.08 5.69
C ASN E 181 -52.71 3.87 5.60
N ILE E 182 -53.36 3.87 6.77
CA ILE E 182 -54.80 3.76 6.89
C ILE E 182 -55.30 4.86 7.85
N GLY F 2 7.21 -5.08 1.05
CA GLY F 2 7.41 -6.00 2.18
C GLY F 2 6.66 -7.33 2.00
N GLY F 3 6.51 -8.10 3.10
CA GLY F 3 5.66 -9.30 3.16
C GLY F 3 4.17 -9.00 2.89
N HIS F 4 3.93 -8.00 2.04
CA HIS F 4 2.65 -7.38 1.76
C HIS F 4 2.62 -7.03 0.28
N MET F 5 3.64 -6.27 -0.16
CA MET F 5 3.92 -6.11 -1.57
C MET F 5 4.50 -7.40 -2.16
N ILE F 6 4.86 -8.37 -1.29
CA ILE F 6 5.40 -9.67 -1.71
C ILE F 6 4.29 -10.72 -1.82
N LEU F 7 3.33 -10.70 -0.88
CA LEU F 7 2.14 -11.52 -1.03
C LEU F 7 1.39 -11.05 -2.28
N LEU F 8 1.41 -9.73 -2.54
CA LEU F 8 0.86 -9.17 -3.75
C LEU F 8 1.57 -9.79 -4.95
N LYS F 9 2.89 -9.60 -5.03
CA LYS F 9 3.67 -10.14 -6.15
C LYS F 9 3.34 -11.63 -6.34
N GLU F 10 3.24 -12.39 -5.25
CA GLU F 10 2.93 -13.81 -5.35
C GLU F 10 1.51 -14.07 -5.86
N LEU F 11 0.54 -13.26 -5.39
CA LEU F 11 -0.83 -13.42 -5.89
C LEU F 11 -0.88 -13.07 -7.38
N LYS F 12 -0.18 -12.01 -7.80
CA LYS F 12 -0.09 -11.64 -9.21
C LYS F 12 0.45 -12.79 -10.04
N GLU F 13 1.54 -13.40 -9.58
CA GLU F 13 2.15 -14.53 -10.27
C GLU F 13 1.17 -15.70 -10.33
N LEU F 14 0.50 -15.98 -9.21
CA LEU F 14 -0.50 -17.02 -9.19
C LEU F 14 -1.68 -16.72 -10.13
N PHE F 15 -2.13 -15.48 -10.20
CA PHE F 15 -3.17 -15.14 -11.17
C PHE F 15 -2.75 -15.46 -12.61
N PHE F 16 -1.56 -15.01 -13.01
CA PHE F 16 -1.04 -15.32 -14.35
C PHE F 16 -1.01 -16.83 -14.56
N LEU F 17 -0.49 -17.59 -13.60
CA LEU F 17 -0.33 -19.03 -13.76
C LEU F 17 -1.68 -19.73 -13.87
N ARG F 18 -2.63 -19.40 -12.98
CA ARG F 18 -3.93 -20.03 -13.04
C ARG F 18 -4.67 -19.67 -14.34
N THR F 19 -4.57 -18.41 -14.78
CA THR F 19 -5.26 -17.95 -15.98
C THR F 19 -4.76 -18.79 -17.16
N THR F 20 -3.42 -18.91 -17.26
CA THR F 20 -2.77 -19.68 -18.31
C THR F 20 -3.26 -21.12 -18.29
N TYR F 21 -3.34 -21.70 -17.10
CA TYR F 21 -3.83 -23.06 -16.92
C TYR F 21 -5.29 -23.20 -17.33
N TYR F 22 -6.16 -22.25 -16.93
CA TYR F 22 -7.57 -22.33 -17.28
C TYR F 22 -7.80 -22.13 -18.79
N LEU F 23 -7.01 -21.26 -19.43
CA LEU F 23 -7.14 -21.03 -20.86
C LEU F 23 -6.76 -22.29 -21.62
N LYS F 24 -5.72 -22.98 -21.17
CA LYS F 24 -5.23 -24.14 -21.91
C LYS F 24 -6.09 -25.37 -21.62
N LYS F 25 -6.44 -25.61 -20.35
CA LYS F 25 -7.11 -26.85 -19.96
C LYS F 25 -8.63 -26.74 -20.15
N TYR F 26 -9.21 -25.56 -19.87
CA TYR F 26 -10.67 -25.47 -19.77
C TYR F 26 -11.23 -24.48 -20.78
N ASN F 27 -10.36 -23.96 -21.64
CA ASN F 27 -10.68 -22.94 -22.64
C ASN F 27 -11.52 -21.82 -22.03
N ARG F 28 -11.01 -21.15 -20.99
CA ARG F 28 -11.77 -20.06 -20.38
C ARG F 28 -10.87 -19.27 -19.45
N SER F 29 -11.27 -18.00 -19.23
CA SER F 29 -10.65 -17.12 -18.25
C SER F 29 -11.74 -16.73 -17.26
N LEU F 30 -11.48 -17.01 -15.98
CA LEU F 30 -12.43 -16.76 -14.92
C LEU F 30 -11.89 -15.69 -13.97
N PRO F 31 -12.78 -15.16 -13.10
CA PRO F 31 -12.34 -14.35 -11.97
C PRO F 31 -11.39 -15.12 -11.07
N PHE F 32 -10.48 -14.40 -10.45
CA PHE F 32 -9.45 -15.02 -9.63
C PHE F 32 -10.08 -15.99 -8.64
N GLY F 33 -11.12 -15.55 -7.93
CA GLY F 33 -11.75 -16.40 -6.92
C GLY F 33 -12.31 -17.72 -7.49
N ASP F 34 -12.71 -17.70 -8.76
CA ASP F 34 -13.22 -18.88 -9.40
C ASP F 34 -12.09 -19.77 -9.93
N MET F 35 -10.84 -19.34 -9.78
CA MET F 35 -9.70 -20.20 -10.11
C MET F 35 -9.04 -20.76 -8.85
N ILE F 36 -9.67 -20.52 -7.70
CA ILE F 36 -9.27 -21.08 -6.42
C ILE F 36 -10.34 -22.05 -5.93
N VAL F 37 -11.60 -21.62 -6.06
CA VAL F 37 -12.77 -22.36 -5.62
C VAL F 37 -13.25 -23.24 -6.78
N ASP F 38 -13.37 -24.54 -6.50
CA ASP F 38 -13.94 -25.52 -7.41
C ASP F 38 -15.46 -25.59 -7.23
N ARG F 39 -16.19 -25.42 -8.33
CA ARG F 39 -17.64 -25.26 -8.29
C ARG F 39 -18.36 -26.47 -7.73
N TRP F 40 -17.83 -27.68 -7.99
CA TRP F 40 -18.50 -28.90 -7.55
C TRP F 40 -18.16 -29.18 -6.09
N ASP F 41 -16.91 -28.86 -5.70
CA ASP F 41 -16.49 -28.98 -4.32
C ASP F 41 -17.28 -27.99 -3.47
N LYS F 42 -17.48 -26.75 -3.96
CA LYS F 42 -18.28 -25.78 -3.22
C LYS F 42 -19.72 -26.27 -3.02
N ALA F 43 -20.34 -26.84 -4.05
CA ALA F 43 -21.70 -27.37 -3.92
C ALA F 43 -21.77 -28.52 -2.90
N LYS F 44 -20.77 -29.42 -2.90
CA LYS F 44 -20.69 -30.46 -1.88
C LYS F 44 -20.59 -29.87 -0.48
N LEU F 45 -19.75 -28.85 -0.30
CA LEU F 45 -19.59 -28.25 1.01
C LEU F 45 -20.92 -27.67 1.51
N LEU F 46 -21.76 -27.15 0.60
CA LEU F 46 -23.05 -26.57 0.99
C LEU F 46 -24.14 -27.64 1.07
N GLY F 47 -23.83 -28.89 0.71
CA GLY F 47 -24.77 -29.98 0.94
C GLY F 47 -25.76 -30.16 -0.23
N PHE F 48 -25.46 -29.57 -1.38
CA PHE F 48 -26.32 -29.67 -2.55
C PHE F 48 -26.24 -31.07 -3.15
N GLY F 49 -27.23 -31.43 -3.97
CA GLY F 49 -27.26 -32.74 -4.63
C GLY F 49 -26.05 -33.04 -5.51
N GLU F 50 -25.78 -34.34 -5.71
CA GLU F 50 -24.66 -34.78 -6.54
C GLU F 50 -24.76 -34.12 -7.90
N GLY F 51 -23.61 -33.74 -8.43
CA GLY F 51 -23.57 -33.18 -9.76
C GLY F 51 -23.88 -31.68 -9.79
N THR F 52 -24.30 -31.08 -8.67
CA THR F 52 -24.61 -29.65 -8.68
C THR F 52 -23.30 -28.88 -8.62
N SER F 53 -23.27 -27.72 -9.30
CA SER F 53 -22.11 -26.85 -9.23
C SER F 53 -22.55 -25.42 -8.87
N ILE F 54 -21.65 -24.69 -8.18
CA ILE F 54 -21.91 -23.29 -7.84
C ILE F 54 -20.61 -22.48 -7.90
N TYR F 55 -20.66 -21.38 -8.66
CA TYR F 55 -19.55 -20.45 -8.79
C TYR F 55 -19.20 -19.78 -7.47
N ASP F 56 -17.93 -19.37 -7.36
CA ASP F 56 -17.46 -18.60 -6.21
C ASP F 56 -18.32 -17.37 -5.97
N SER F 57 -18.70 -16.68 -7.07
CA SER F 57 -19.35 -15.38 -7.02
C SER F 57 -20.80 -15.42 -6.50
N SER F 58 -21.34 -16.61 -6.23
CA SER F 58 -22.71 -16.79 -5.78
C SER F 58 -22.81 -16.54 -4.28
N ILE F 59 -23.95 -15.98 -3.86
CA ILE F 59 -24.23 -15.77 -2.45
C ILE F 59 -25.37 -16.72 -2.04
N VAL F 60 -25.15 -17.49 -0.96
CA VAL F 60 -26.14 -18.44 -0.47
C VAL F 60 -26.44 -18.08 0.99
N LEU F 61 -27.67 -17.65 1.24
CA LEU F 61 -28.07 -17.19 2.57
C LEU F 61 -29.06 -18.16 3.17
N GLY F 62 -28.82 -18.56 4.42
CA GLY F 62 -29.83 -19.23 5.23
C GLY F 62 -30.06 -20.63 4.71
N GLU F 63 -31.30 -21.10 4.85
CA GLU F 63 -31.66 -22.47 4.47
C GLU F 63 -31.90 -22.55 2.97
N VAL F 64 -30.99 -23.22 2.25
CA VAL F 64 -31.14 -23.41 0.81
C VAL F 64 -30.90 -24.88 0.52
N LYS F 65 -31.83 -25.50 -0.20
CA LYS F 65 -31.65 -26.87 -0.66
C LYS F 65 -31.65 -26.88 -2.18
N VAL F 66 -30.71 -27.61 -2.76
CA VAL F 66 -30.65 -27.79 -4.18
C VAL F 66 -30.57 -29.28 -4.49
N GLY F 67 -31.31 -29.72 -5.52
CA GLY F 67 -31.27 -31.13 -5.92
C GLY F 67 -30.03 -31.46 -6.73
N LYS F 68 -30.12 -32.51 -7.57
CA LYS F 68 -29.00 -33.05 -8.31
C LYS F 68 -28.83 -32.36 -9.65
N ASP F 69 -27.59 -32.30 -10.14
CA ASP F 69 -27.25 -31.87 -11.48
C ASP F 69 -27.82 -30.48 -11.79
N THR F 70 -27.89 -29.60 -10.79
CA THR F 70 -28.32 -28.23 -11.01
C THR F 70 -27.08 -27.33 -11.16
N TRP F 71 -27.13 -26.42 -12.13
CA TRP F 71 -26.05 -25.50 -12.43
C TRP F 71 -26.43 -24.14 -11.83
N ILE F 72 -25.67 -23.71 -10.84
CA ILE F 72 -25.82 -22.38 -10.25
C ILE F 72 -24.72 -21.48 -10.81
N GLY F 73 -25.17 -20.51 -11.59
CA GLY F 73 -24.29 -19.63 -12.34
C GLY F 73 -23.60 -18.55 -11.51
N PRO F 74 -22.74 -17.75 -12.17
CA PRO F 74 -22.02 -16.67 -11.52
C PRO F 74 -22.93 -15.49 -11.19
N ASN F 75 -22.50 -14.76 -10.16
CA ASN F 75 -23.12 -13.51 -9.80
C ASN F 75 -24.58 -13.74 -9.39
N THR F 76 -24.86 -14.91 -8.78
CA THR F 76 -26.24 -15.25 -8.43
C THR F 76 -26.48 -15.04 -6.92
N ILE F 77 -27.77 -14.97 -6.60
CA ILE F 77 -28.19 -14.91 -5.21
C ILE F 77 -29.23 -16.00 -4.95
N LEU F 78 -28.94 -16.86 -3.98
CA LEU F 78 -29.88 -17.88 -3.52
C LEU F 78 -30.18 -17.54 -2.07
N ASP F 79 -31.22 -16.74 -1.86
CA ASP F 79 -31.55 -16.24 -0.55
C ASP F 79 -32.66 -17.10 0.05
N GLY F 80 -32.27 -17.98 0.99
CA GLY F 80 -33.23 -18.75 1.77
C GLY F 80 -33.45 -18.22 3.19
N SER F 81 -33.11 -16.95 3.43
CA SER F 81 -33.13 -16.39 4.78
C SER F 81 -34.53 -16.17 5.33
N GLY F 82 -35.55 -16.14 4.48
CA GLY F 82 -36.89 -15.81 4.92
C GLY F 82 -37.81 -17.02 4.82
N GLY F 83 -37.39 -18.16 5.39
CA GLY F 83 -38.23 -19.34 5.52
C GLY F 83 -37.76 -20.45 4.60
N GLY F 84 -36.63 -20.22 3.94
CA GLY F 84 -36.00 -21.28 3.18
C GLY F 84 -36.35 -21.23 1.70
N LEU F 85 -35.40 -21.73 0.91
CA LEU F 85 -35.47 -21.77 -0.52
C LEU F 85 -35.15 -23.20 -0.93
N ILE F 86 -35.98 -23.76 -1.80
CA ILE F 86 -35.77 -25.10 -2.31
C ILE F 86 -35.76 -25.06 -3.84
N ILE F 87 -34.74 -25.67 -4.42
CA ILE F 87 -34.58 -25.79 -5.86
C ILE F 87 -34.41 -27.26 -6.17
N GLY F 88 -35.00 -27.75 -7.28
CA GLY F 88 -34.91 -29.16 -7.62
C GLY F 88 -33.67 -29.52 -8.44
N SER F 89 -33.87 -30.54 -9.30
CA SER F 89 -32.82 -31.16 -10.09
C SER F 89 -32.85 -30.69 -11.54
N ASN F 90 -31.67 -30.74 -12.17
CA ASN F 90 -31.47 -30.47 -13.57
C ASN F 90 -31.86 -29.04 -13.96
N CYS F 91 -31.75 -28.09 -13.03
CA CYS F 91 -32.15 -26.72 -13.31
C CYS F 91 -30.96 -25.90 -13.79
N SER F 92 -31.24 -24.98 -14.71
CA SER F 92 -30.26 -23.96 -15.08
C SER F 92 -30.61 -22.69 -14.32
N ILE F 93 -29.72 -22.30 -13.40
CA ILE F 93 -29.85 -21.01 -12.71
C ILE F 93 -28.81 -20.07 -13.30
N SER F 94 -29.22 -19.28 -14.30
CA SER F 94 -28.26 -18.54 -15.14
C SER F 94 -27.54 -17.44 -14.37
N ALA F 95 -26.49 -16.95 -15.03
CA ALA F 95 -25.73 -15.80 -14.61
C ALA F 95 -26.67 -14.66 -14.20
N GLY F 96 -26.47 -14.16 -12.97
CA GLY F 96 -27.16 -12.94 -12.54
C GLY F 96 -28.53 -13.19 -11.91
N VAL F 97 -28.98 -14.43 -11.87
CA VAL F 97 -30.29 -14.73 -11.35
C VAL F 97 -30.29 -14.50 -9.85
N GLN F 98 -31.34 -13.85 -9.34
CA GLN F 98 -31.44 -13.51 -7.94
C GLN F 98 -32.78 -14.05 -7.43
N ILE F 99 -32.71 -14.88 -6.37
CA ILE F 99 -33.87 -15.57 -5.85
C ILE F 99 -34.00 -15.24 -4.36
N TYR F 100 -35.12 -14.62 -4.01
CA TYR F 100 -35.31 -14.02 -2.71
C TYR F 100 -36.41 -14.73 -1.91
N THR F 101 -36.23 -14.63 -0.59
CA THR F 101 -37.27 -14.95 0.37
C THR F 101 -37.45 -13.79 1.36
N HIS F 102 -36.89 -12.62 1.07
CA HIS F 102 -37.18 -11.45 1.91
C HIS F 102 -37.02 -10.18 1.07
N ASP F 103 -37.51 -9.06 1.60
CA ASP F 103 -37.15 -7.77 1.08
C ASP F 103 -37.17 -6.74 2.20
N THR F 104 -36.53 -5.60 1.93
CA THR F 104 -36.33 -4.55 2.92
C THR F 104 -37.03 -3.25 2.50
N VAL F 105 -38.09 -3.35 1.70
CA VAL F 105 -38.75 -2.15 1.17
C VAL F 105 -39.27 -1.31 2.34
N ARG F 106 -40.04 -1.95 3.23
CA ARG F 106 -40.68 -1.19 4.30
C ARG F 106 -39.63 -0.68 5.29
N LYS F 107 -38.60 -1.50 5.56
CA LYS F 107 -37.55 -1.13 6.49
C LYS F 107 -36.89 0.16 6.05
N SER F 108 -36.52 0.24 4.76
CA SER F 108 -35.96 1.48 4.26
C SER F 108 -36.99 2.60 4.23
N LEU F 109 -38.22 2.37 3.73
CA LEU F 109 -39.10 3.50 3.46
C LEU F 109 -39.60 4.12 4.76
N SER F 110 -39.62 3.28 5.79
CA SER F 110 -40.05 3.70 7.11
C SER F 110 -38.89 4.27 7.93
N GLY F 111 -37.74 4.56 7.32
CA GLY F 111 -36.63 5.14 8.04
C GLY F 111 -35.96 4.18 9.01
N GLY F 112 -36.13 2.87 8.83
CA GLY F 112 -35.41 1.90 9.62
C GLY F 112 -36.28 1.18 10.66
N LYS F 113 -37.57 1.52 10.72
CA LYS F 113 -38.45 1.01 11.76
C LYS F 113 -38.96 -0.39 11.41
N ALA F 114 -39.57 -0.54 10.23
CA ALA F 114 -40.33 -1.76 9.94
C ALA F 114 -39.46 -3.01 9.94
N ASP F 115 -40.07 -4.16 10.27
CA ASP F 115 -39.46 -5.46 10.13
C ASP F 115 -39.10 -5.71 8.64
N ILE F 116 -38.15 -6.60 8.41
CA ILE F 116 -37.93 -7.23 7.11
C ILE F 116 -39.09 -8.17 6.81
N ASP F 117 -39.65 -8.13 5.61
CA ASP F 117 -40.73 -9.03 5.21
C ASP F 117 -40.15 -10.28 4.55
N LYS F 118 -40.76 -11.43 4.89
CA LYS F 118 -40.20 -12.73 4.59
C LYS F 118 -41.27 -13.66 4.04
N ALA F 119 -40.86 -14.53 3.12
CA ALA F 119 -41.69 -15.65 2.67
C ALA F 119 -40.83 -16.64 1.89
N SER F 120 -41.09 -17.92 2.12
CA SER F 120 -40.35 -18.98 1.49
C SER F 120 -40.64 -19.02 0.00
N THR F 121 -39.70 -19.63 -0.72
CA THR F 121 -39.72 -19.70 -2.16
C THR F 121 -39.24 -21.09 -2.61
N ARG F 122 -39.79 -21.55 -3.74
CA ARG F 122 -39.59 -22.92 -4.19
C ARG F 122 -39.61 -22.98 -5.71
N ILE F 123 -38.65 -23.72 -6.26
CA ILE F 123 -38.50 -23.92 -7.70
C ILE F 123 -38.45 -25.42 -7.96
N GLY F 124 -39.14 -25.87 -9.02
CA GLY F 124 -39.25 -27.29 -9.34
C GLY F 124 -37.96 -27.86 -9.94
N SER F 125 -38.06 -29.10 -10.46
CA SER F 125 -37.01 -29.71 -11.28
C SER F 125 -37.21 -29.39 -12.77
N ASP F 126 -36.11 -29.48 -13.51
CA ASP F 126 -36.09 -29.36 -14.97
C ASP F 126 -36.51 -27.94 -15.37
N CYS F 127 -36.11 -26.95 -14.55
CA CYS F 127 -36.46 -25.56 -14.86
C CYS F 127 -35.26 -24.84 -15.45
N TYR F 128 -35.57 -23.80 -16.24
CA TYR F 128 -34.59 -22.90 -16.80
C TYR F 128 -34.94 -21.48 -16.34
N LEU F 129 -34.06 -20.88 -15.54
CA LEU F 129 -34.19 -19.45 -15.24
C LEU F 129 -33.13 -18.69 -16.02
N GLY F 130 -33.59 -17.79 -16.90
CA GLY F 130 -32.71 -17.13 -17.83
C GLY F 130 -31.90 -16.03 -17.12
N PRO F 131 -30.86 -15.54 -17.79
CA PRO F 131 -30.03 -14.45 -17.28
C PRO F 131 -30.79 -13.31 -16.62
N ASN F 132 -30.32 -12.92 -15.43
CA ASN F 132 -30.83 -11.72 -14.77
C ASN F 132 -32.32 -11.83 -14.41
N THR F 133 -32.86 -13.04 -14.29
CA THR F 133 -34.20 -13.27 -13.73
C THR F 133 -34.19 -12.94 -12.25
N ILE F 134 -35.21 -12.20 -11.78
CA ILE F 134 -35.42 -11.92 -10.37
C ILE F 134 -36.68 -12.66 -9.91
N ILE F 135 -36.56 -13.46 -8.86
CA ILE F 135 -37.67 -14.19 -8.25
C ILE F 135 -37.87 -13.61 -6.86
N VAL F 136 -39.08 -13.12 -6.56
CA VAL F 136 -39.31 -12.43 -5.28
C VAL F 136 -39.80 -13.45 -4.26
N LYS F 137 -39.89 -13.01 -2.99
CA LYS F 137 -40.30 -13.91 -1.92
C LYS F 137 -41.71 -14.44 -2.19
N GLY F 138 -41.95 -15.67 -1.72
CA GLY F 138 -43.30 -16.21 -1.73
C GLY F 138 -43.64 -16.96 -3.00
N VAL F 139 -42.75 -16.96 -4.00
CA VAL F 139 -43.06 -17.55 -5.29
C VAL F 139 -42.84 -19.07 -5.24
N LYS F 140 -43.80 -19.80 -5.83
CA LYS F 140 -43.65 -21.21 -6.12
C LYS F 140 -43.63 -21.40 -7.64
N ILE F 141 -42.54 -21.96 -8.14
CA ILE F 141 -42.39 -22.32 -9.54
C ILE F 141 -42.47 -23.84 -9.64
N GLY F 142 -43.37 -24.35 -10.49
CA GLY F 142 -43.56 -25.79 -10.65
C GLY F 142 -42.39 -26.45 -11.36
N ASP F 143 -42.63 -27.63 -11.93
CA ASP F 143 -41.61 -28.36 -12.68
C ASP F 143 -41.63 -27.95 -14.15
N ARG F 144 -40.50 -28.11 -14.83
CA ARG F 144 -40.38 -27.95 -16.28
C ARG F 144 -40.92 -26.57 -16.72
N VAL F 145 -40.39 -25.53 -16.05
CA VAL F 145 -40.76 -24.15 -16.33
C VAL F 145 -39.58 -23.43 -16.99
N VAL F 146 -39.89 -22.66 -18.03
CA VAL F 146 -38.96 -21.72 -18.65
C VAL F 146 -39.29 -20.30 -18.17
N VAL F 147 -38.31 -19.64 -17.53
CA VAL F 147 -38.41 -18.22 -17.23
C VAL F 147 -37.40 -17.48 -18.12
N GLY F 148 -37.90 -16.61 -19.00
CA GLY F 148 -37.04 -15.93 -19.94
C GLY F 148 -36.10 -14.97 -19.23
N ALA F 149 -35.02 -14.61 -19.94
CA ALA F 149 -34.04 -13.65 -19.45
C ALA F 149 -34.76 -12.34 -19.10
N ASN F 150 -34.24 -11.66 -18.07
CA ASN F 150 -34.66 -10.34 -17.64
C ASN F 150 -36.04 -10.33 -17.02
N SER F 151 -36.60 -11.49 -16.66
CA SER F 151 -37.93 -11.53 -16.07
C SER F 151 -37.91 -11.11 -14.60
N LEU F 152 -39.09 -10.68 -14.15
CA LEU F 152 -39.34 -10.42 -12.75
C LEU F 152 -40.58 -11.18 -12.35
N VAL F 153 -40.39 -12.25 -11.60
CA VAL F 153 -41.48 -13.17 -11.31
C VAL F 153 -42.05 -12.81 -9.94
N LEU F 154 -43.33 -12.39 -9.94
CA LEU F 154 -43.97 -11.86 -8.75
C LEU F 154 -44.98 -12.87 -8.21
N LYS F 155 -45.33 -13.86 -9.01
CA LYS F 155 -46.40 -14.76 -8.62
C LYS F 155 -46.03 -16.18 -9.06
N ASP F 156 -46.71 -17.16 -8.49
CA ASP F 156 -46.46 -18.56 -8.77
C ASP F 156 -46.54 -18.87 -10.27
N ILE F 157 -45.82 -19.91 -10.67
CA ILE F 157 -45.86 -20.37 -12.04
C ILE F 157 -46.19 -21.86 -12.00
N PRO F 158 -47.26 -22.31 -12.71
CA PRO F 158 -47.54 -23.75 -12.84
C PRO F 158 -46.49 -24.48 -13.67
N SER F 159 -46.42 -25.79 -13.46
CA SER F 159 -45.56 -26.65 -14.24
C SER F 159 -45.85 -26.49 -15.73
N ASP F 160 -44.82 -26.68 -16.55
CA ASP F 160 -44.90 -26.75 -18.00
C ASP F 160 -45.26 -25.42 -18.63
N CYS F 161 -44.98 -24.30 -17.94
CA CYS F 161 -45.22 -22.98 -18.51
C CYS F 161 -43.91 -22.30 -18.93
N LYS F 162 -44.04 -21.43 -19.93
CA LYS F 162 -43.00 -20.51 -20.32
C LYS F 162 -43.46 -19.09 -20.00
N VAL F 163 -42.64 -18.34 -19.23
CA VAL F 163 -43.03 -17.01 -18.81
C VAL F 163 -41.97 -16.03 -19.30
N PHE F 164 -42.37 -14.76 -19.36
CA PHE F 164 -41.47 -13.70 -19.76
C PHE F 164 -42.00 -12.35 -19.30
N GLY F 165 -41.09 -11.45 -18.92
CA GLY F 165 -41.39 -10.04 -18.76
C GLY F 165 -41.14 -9.54 -17.34
N SER F 166 -41.15 -8.20 -17.19
CA SER F 166 -41.10 -7.52 -15.90
C SER F 166 -42.39 -6.73 -15.71
N PRO F 167 -43.42 -7.16 -14.94
CA PRO F 167 -43.49 -8.47 -14.31
C PRO F 167 -43.82 -9.60 -15.31
N ALA F 168 -43.53 -10.83 -14.92
CA ALA F 168 -43.58 -11.94 -15.86
C ALA F 168 -45.03 -12.38 -16.08
N VAL F 169 -45.32 -12.82 -17.31
CA VAL F 169 -46.63 -13.37 -17.61
C VAL F 169 -46.44 -14.72 -18.30
N ILE F 170 -47.41 -15.63 -18.12
CA ILE F 170 -47.39 -16.86 -18.87
C ILE F 170 -47.67 -16.57 -20.34
N ILE F 171 -46.77 -17.02 -21.23
CA ILE F 171 -46.91 -16.71 -22.63
C ILE F 171 -47.24 -17.98 -23.44
N THR F 172 -46.86 -19.16 -22.97
CA THR F 172 -47.26 -20.42 -23.59
C THR F 172 -46.82 -21.57 -22.69
N ASP F 173 -46.98 -22.81 -23.17
CA ASP F 173 -46.48 -23.96 -22.45
C ASP F 173 -45.02 -24.19 -22.84
N SER F 174 -44.35 -25.10 -22.13
CA SER F 174 -42.93 -25.35 -22.35
C SER F 174 -42.66 -26.72 -22.97
N LEU F 175 -43.73 -27.41 -23.42
CA LEU F 175 -43.64 -28.82 -23.76
C LEU F 175 -42.62 -29.06 -24.87
N ASN F 176 -42.46 -28.10 -25.79
CA ASN F 176 -41.64 -28.31 -26.96
C ASN F 176 -40.14 -28.22 -26.63
N TYR F 177 -39.78 -27.70 -25.44
CA TYR F 177 -38.40 -27.75 -24.98
C TYR F 177 -38.10 -29.08 -24.29
N GLN F 178 -39.11 -29.91 -24.02
CA GLN F 178 -38.89 -31.05 -23.15
C GLN F 178 -38.51 -32.32 -23.91
N ARG F 179 -38.32 -32.19 -25.22
CA ARG F 179 -38.03 -33.37 -26.07
C ARG F 179 -36.52 -33.58 -26.12
#